data_7SYY
#
_entry.id   7SYY
#
_cell.length_a   137.253
_cell.length_b   137.253
_cell.length_c   149.967
_cell.angle_alpha   90.000
_cell.angle_beta   90.000
_cell.angle_gamma   90.000
#
_symmetry.space_group_name_H-M   'P 41 21 2'
#
loop_
_entity.id
_entity.type
_entity.pdbx_description
1 polymer 'Attachment glycoprotein'
2 polymer 'Antibody hAH1.3 Heavy Chain'
3 polymer 'Antibody hAH1.3 light chain'
4 branched alpha-D-mannopyranose-(1-6)-beta-D-mannopyranose-(1-4)-2-acetamido-2-deoxy-beta-D-glucopyranose-(1-4)-[alpha-L-fucopyranose-(1-3)][alpha-L-fucopyranose-(1-6)]2-acetamido-2-deoxy-beta-D-glucopyranose
5 branched alpha-D-mannopyranose-(1-3)-alpha-D-mannopyranose-(1-6)-[alpha-D-mannopyranose-(1-3)]beta-D-mannopyranose-(1-4)-2-acetamido-2-deoxy-beta-D-glucopyranose-(1-4)-2-acetamido-2-deoxy-beta-D-glucopyranose
6 branched 2-acetamido-2-deoxy-beta-D-glucopyranose-(1-4)-2-acetamido-2-deoxy-beta-D-glucopyranose
7 branched alpha-L-fucopyranose-(1-6)-2-acetamido-2-deoxy-beta-D-glucopyranose
8 non-polymer 2-acetamido-2-deoxy-beta-D-glucopyranose
9 non-polymer 'SULFATE ION'
10 non-polymer 'ZINC ION'
11 non-polymer 'CHLORIDE ION'
12 water water
#
loop_
_entity_poly.entity_id
_entity_poly.type
_entity_poly.pdbx_seq_one_letter_code
_entity_poly.pdbx_strand_id
1 'polypeptide(L)'
;MMADSKLVSLNNNLSGKIKDQGKVIKNYYGTMDIKKINDGLLDSKILGAFNTVIALLGSIIIIVMNIMIIQNYTRTTDNQ
ALIKESLQSVQQQIKALTDKIGTEIGPKVSLIDTSSTITIPANIGLLGSKISQSTSSINENVNDKCKFTLPPLKIHECNI
SCPNPLPFREYRPISQGVSDLVGLPNQICLQKTTSTILKPRLISYTLPINTREGVCITDPLLAVDNGFFAYSHLEKIGSC
TRGIAKQRIIGVGEVLDRGDKVPSMFMTNVWTPPNPSTIHHCSSTYHEDFYYTLCAVSHVGDPILNSTSWTESLSLIRLA
VRPKSDSGDYNQKYIAITKVERGKYDKVMPYGPSGIKQGDTLYFPAVGFLPRTEFQYNDSNCPIIHCKYSKAENCRLSMG
VNSKSHYILRSGLLKYNLSLGGDIILQFIEIADNRLTIGSPSKIYNSLGQPVFYQASYSWDTMIKLGDVDTVDPLRVQWR
NNSVISRPGQSQCPRFNVCPEVCWEGTYNDAFLIDRLNWVSAGVYLNSNQTAENPVFAVFKDNEILYQVPLAEDDTNAQK
TITDCFLLENVIWCISLVEIYDTGDSVIRPKLFAVKIPAQCSES
;
A
2 'polypeptide(L)'
;QIQLVQSGPELKKPGETVKISCTTSGYTFTNYGLNWVKQAPGKGFKWMAWINTYTGEPTYADDFKGRFAFSLETSASTTY
LQINNLKNEDMSTYFCARSGYYDGLKAMDYWGQGTSVTVSSAKTTPPSVYPLAPGSAAQTNSMVTLGCLVKGYFPEPVTV
TWNSGSLSSGVHTFPAVLQSDLYTLSSSVTVPSSTWPSETVTCNVAHPASSTKVDKKIVPRDC
;
H
3 'polypeptide(L)'
;DVLMIQTPLSLPVSLGDQASISCRSSQSLIHINGNTYLEWYLQKPGQSPKLLIYKVSNRFSGVPDRFSGSGSGTDFTLKI
SRVEAEDLGVYYCFQGSHVPFTFGAGTKLELKRADAAPTVSIFPPSSEQLTSGGASVVCFLNNFYPKDINVKWKIDGSER
QNGVLNSWTDQDSKDSTYSMSSTLTLTKDEYERHNSYTCEATHKTSTSPIVKSFNRNECVY
;
L
#
# COMPACT_ATOMS: atom_id res chain seq x y z
N GLY A 177 -28.67 -4.58 -34.88
CA GLY A 177 -29.23 -5.46 -33.89
C GLY A 177 -28.30 -5.70 -32.71
N VAL A 178 -27.49 -6.76 -32.81
CA VAL A 178 -26.52 -7.09 -31.77
C VAL A 178 -25.17 -6.49 -32.15
N SER A 179 -24.57 -5.76 -31.22
CA SER A 179 -23.30 -5.09 -31.46
C SER A 179 -22.44 -5.17 -30.21
N ASP A 180 -21.22 -4.66 -30.32
CA ASP A 180 -20.26 -4.72 -29.23
C ASP A 180 -20.63 -3.73 -28.13
N LEU A 181 -20.16 -4.01 -26.92
CA LEU A 181 -20.39 -3.15 -25.76
C LEU A 181 -19.42 -1.97 -25.85
N VAL A 182 -19.86 -0.91 -26.51
CA VAL A 182 -19.02 0.23 -26.82
C VAL A 182 -19.89 1.48 -26.89
N GLY A 183 -19.31 2.61 -26.48
CA GLY A 183 -20.03 3.87 -26.49
C GLY A 183 -20.61 4.25 -25.13
N LEU A 184 -21.93 4.45 -25.09
CA LEU A 184 -22.62 4.77 -23.85
C LEU A 184 -23.99 4.12 -23.89
N PRO A 185 -24.14 2.94 -23.29
CA PRO A 185 -25.40 2.19 -23.42
C PRO A 185 -26.48 2.66 -22.46
N ASN A 186 -27.60 1.93 -22.43
CA ASN A 186 -28.67 2.23 -21.49
C ASN A 186 -28.18 2.05 -20.06
N GLN A 187 -28.89 2.70 -19.14
CA GLN A 187 -28.53 2.62 -17.74
C GLN A 187 -28.68 1.19 -17.22
N ILE A 188 -27.81 0.82 -16.30
CA ILE A 188 -27.93 -0.42 -15.55
C ILE A 188 -28.09 -0.07 -14.07
N CYS A 189 -28.84 -0.90 -13.35
CA CYS A 189 -29.01 -0.68 -11.92
C CYS A 189 -27.67 -0.75 -11.22
N LEU A 190 -27.32 0.33 -10.52
CA LEU A 190 -26.04 0.42 -9.83
C LEU A 190 -26.16 0.26 -8.31
N GLN A 191 -27.38 0.17 -7.79
CA GLN A 191 -27.59 -0.06 -6.37
C GLN A 191 -27.58 -1.56 -6.08
N LYS A 192 -27.30 -1.89 -4.82
CA LYS A 192 -27.36 -3.27 -4.36
C LYS A 192 -28.77 -3.58 -3.89
N THR A 193 -29.34 -4.66 -4.40
CA THR A 193 -30.71 -5.03 -4.08
C THR A 193 -30.84 -6.54 -3.98
N THR A 194 -31.67 -6.99 -3.03
CA THR A 194 -32.01 -8.41 -2.95
C THR A 194 -33.10 -8.79 -3.93
N SER A 195 -33.73 -7.83 -4.59
CA SER A 195 -34.83 -8.10 -5.50
C SER A 195 -34.36 -8.94 -6.68
N THR A 196 -35.25 -9.79 -7.18
CA THR A 196 -34.95 -10.68 -8.31
C THR A 196 -35.18 -9.89 -9.60
N ILE A 197 -34.16 -9.12 -9.98
CA ILE A 197 -34.23 -8.30 -11.18
C ILE A 197 -33.47 -8.91 -12.36
N LEU A 198 -32.72 -9.99 -12.13
CA LEU A 198 -32.02 -10.71 -13.19
C LEU A 198 -32.85 -11.92 -13.59
N LYS A 199 -33.23 -12.00 -14.87
CA LYS A 199 -34.08 -13.07 -15.39
C LYS A 199 -33.30 -13.87 -16.44
N PRO A 200 -32.58 -14.91 -16.02
CA PRO A 200 -31.83 -15.72 -17.00
C PRO A 200 -32.76 -16.59 -17.83
N ARG A 201 -32.47 -16.66 -19.13
CA ARG A 201 -33.24 -17.46 -20.08
C ARG A 201 -32.34 -18.50 -20.69
N LEU A 202 -32.76 -19.77 -20.65
CA LEU A 202 -32.00 -20.85 -21.25
C LEU A 202 -32.19 -20.80 -22.77
N ILE A 203 -31.09 -20.63 -23.50
CA ILE A 203 -31.12 -20.50 -24.95
C ILE A 203 -30.50 -21.72 -25.64
N SER A 204 -30.24 -22.79 -24.92
CA SER A 204 -29.61 -23.97 -25.48
C SER A 204 -30.44 -25.21 -25.16
N TYR A 205 -30.66 -26.04 -26.17
CA TYR A 205 -31.38 -27.30 -25.99
C TYR A 205 -31.21 -28.19 -27.22
N VAL A 215 -21.92 -40.49 -23.16
CA VAL A 215 -21.73 -39.32 -24.01
C VAL A 215 -21.50 -38.07 -23.17
N CYS A 216 -20.34 -37.44 -23.34
CA CYS A 216 -19.99 -36.26 -22.58
C CYS A 216 -19.50 -35.16 -23.51
N ILE A 217 -19.70 -33.91 -23.10
CA ILE A 217 -19.26 -32.75 -23.86
C ILE A 217 -18.35 -31.92 -22.96
N THR A 218 -17.07 -31.82 -23.34
CA THR A 218 -16.06 -31.18 -22.51
C THR A 218 -15.33 -30.10 -23.31
N ASP A 219 -14.35 -29.49 -22.66
CA ASP A 219 -13.49 -28.47 -23.25
C ASP A 219 -14.26 -27.42 -24.06
N PRO A 220 -15.19 -26.71 -23.44
CA PRO A 220 -15.99 -25.74 -24.19
C PRO A 220 -15.20 -24.47 -24.49
N LEU A 221 -15.75 -23.71 -25.43
CA LEU A 221 -15.17 -22.42 -25.82
C LEU A 221 -16.31 -21.55 -26.34
N LEU A 222 -16.38 -20.31 -25.87
CA LEU A 222 -17.36 -19.34 -26.33
C LEU A 222 -16.68 -17.99 -26.53
N ALA A 223 -17.03 -17.33 -27.63
CA ALA A 223 -16.57 -15.97 -27.91
C ALA A 223 -17.68 -15.24 -28.65
N VAL A 224 -17.94 -14.00 -28.26
CA VAL A 224 -18.95 -13.16 -28.90
C VAL A 224 -18.30 -11.84 -29.29
N ASP A 225 -18.38 -11.50 -30.58
CA ASP A 225 -17.75 -10.29 -31.11
C ASP A 225 -18.56 -9.78 -32.29
N ASN A 226 -18.95 -8.51 -32.22
CA ASN A 226 -19.54 -7.80 -33.37
C ASN A 226 -20.76 -8.53 -33.93
N GLY A 227 -21.62 -9.01 -33.03
CA GLY A 227 -22.81 -9.71 -33.46
C GLY A 227 -22.61 -11.11 -33.96
N PHE A 228 -21.39 -11.64 -33.88
CA PHE A 228 -21.08 -13.01 -34.26
C PHE A 228 -20.55 -13.76 -33.05
N PHE A 229 -20.42 -15.07 -33.20
CA PHE A 229 -19.92 -15.91 -32.12
C PHE A 229 -19.09 -17.04 -32.69
N ALA A 230 -18.20 -17.53 -31.83
CA ALA A 230 -17.41 -18.74 -32.04
C ALA A 230 -17.63 -19.68 -30.86
N TYR A 231 -17.81 -20.96 -31.17
CA TYR A 231 -18.08 -21.98 -30.16
C TYR A 231 -17.22 -23.20 -30.47
N SER A 232 -16.86 -23.92 -29.42
CA SER A 232 -16.11 -25.16 -29.61
C SER A 232 -16.37 -26.12 -28.47
N HIS A 233 -16.29 -27.41 -28.78
CA HIS A 233 -16.38 -28.43 -27.73
C HIS A 233 -15.76 -29.72 -28.22
N LEU A 234 -15.59 -30.66 -27.29
CA LEU A 234 -15.09 -32.00 -27.59
C LEU A 234 -16.10 -33.00 -27.03
N GLU A 235 -16.76 -33.74 -27.91
CA GLU A 235 -17.68 -34.80 -27.52
C GLU A 235 -16.90 -36.10 -27.38
N LYS A 236 -16.92 -36.66 -26.17
CA LYS A 236 -16.36 -37.96 -25.85
C LYS A 236 -17.46 -38.99 -25.62
N ILE A 237 -17.09 -40.26 -25.69
CA ILE A 237 -18.00 -41.37 -25.44
C ILE A 237 -17.74 -41.92 -24.06
N GLY A 238 -18.78 -42.03 -23.25
CA GLY A 238 -18.66 -42.54 -21.90
C GLY A 238 -18.23 -41.49 -20.90
N SER A 239 -17.08 -41.71 -20.25
CA SER A 239 -16.62 -40.80 -19.23
C SER A 239 -16.18 -39.47 -19.84
N CYS A 240 -16.15 -38.43 -19.00
CA CYS A 240 -15.68 -37.11 -19.42
C CYS A 240 -14.18 -36.98 -19.37
N THR A 241 -13.50 -37.75 -18.51
CA THR A 241 -12.06 -37.69 -18.37
C THR A 241 -11.34 -38.86 -19.02
N ARG A 242 -11.87 -40.08 -18.88
CA ARG A 242 -11.26 -41.27 -19.44
C ARG A 242 -11.98 -41.77 -20.69
N GLY A 243 -12.83 -40.93 -21.29
CA GLY A 243 -13.59 -41.34 -22.45
C GLY A 243 -12.84 -41.13 -23.77
N ILE A 244 -13.29 -41.84 -24.79
CA ILE A 244 -12.67 -41.75 -26.11
C ILE A 244 -13.19 -40.51 -26.83
N ALA A 245 -12.27 -39.76 -27.43
CA ALA A 245 -12.64 -38.55 -28.17
C ALA A 245 -13.42 -38.93 -29.42
N LYS A 246 -14.70 -38.55 -29.46
CA LYS A 246 -15.54 -38.85 -30.61
C LYS A 246 -15.48 -37.74 -31.66
N GLN A 247 -15.66 -36.48 -31.25
CA GLN A 247 -15.74 -35.41 -32.24
C GLN A 247 -15.38 -34.07 -31.63
N ARG A 248 -14.45 -33.37 -32.26
CA ARG A 248 -14.13 -31.99 -31.91
C ARG A 248 -14.89 -31.06 -32.85
N ILE A 249 -15.69 -30.15 -32.28
CA ILE A 249 -16.50 -29.21 -33.03
C ILE A 249 -15.93 -27.82 -32.83
N ILE A 250 -15.73 -27.09 -33.95
CA ILE A 250 -15.40 -25.68 -33.92
C ILE A 250 -16.32 -24.98 -34.90
N GLY A 251 -17.22 -24.13 -34.40
CA GLY A 251 -18.18 -23.46 -35.24
C GLY A 251 -18.24 -21.97 -34.99
N VAL A 252 -18.83 -21.27 -35.95
CA VAL A 252 -19.10 -19.85 -35.84
C VAL A 252 -20.48 -19.56 -36.40
N GLY A 253 -21.04 -18.43 -35.98
CA GLY A 253 -22.35 -18.04 -36.45
C GLY A 253 -22.71 -16.65 -35.98
N GLU A 254 -24.01 -16.35 -36.03
CA GLU A 254 -24.52 -15.05 -35.65
C GLU A 254 -25.29 -15.11 -34.33
N VAL A 255 -25.22 -14.02 -33.58
CA VAL A 255 -26.04 -13.82 -32.39
C VAL A 255 -27.20 -12.94 -32.80
N LEU A 256 -28.41 -13.50 -32.82
CA LEU A 256 -29.58 -12.82 -33.34
C LEU A 256 -30.69 -12.80 -32.30
N ASP A 257 -31.58 -11.83 -32.46
CA ASP A 257 -32.86 -11.84 -31.74
C ASP A 257 -33.67 -13.03 -32.24
N ARG A 258 -33.89 -14.01 -31.36
CA ARG A 258 -34.56 -15.24 -31.76
C ARG A 258 -36.05 -15.05 -32.02
N GLY A 259 -36.63 -13.94 -31.60
CA GLY A 259 -38.04 -13.69 -31.85
C GLY A 259 -38.75 -12.96 -30.72
N ASP A 260 -38.40 -13.29 -29.47
CA ASP A 260 -39.03 -12.70 -28.31
C ASP A 260 -38.10 -11.71 -27.59
N LYS A 261 -37.34 -10.95 -28.37
CA LYS A 261 -36.39 -9.95 -27.87
C LYS A 261 -35.30 -10.56 -27.00
N VAL A 262 -35.02 -11.84 -27.17
CA VAL A 262 -33.97 -12.54 -26.43
C VAL A 262 -32.89 -12.94 -27.43
N PRO A 263 -31.62 -12.61 -27.17
CA PRO A 263 -30.56 -13.01 -28.12
C PRO A 263 -30.26 -14.50 -28.02
N SER A 264 -29.94 -15.09 -29.17
CA SER A 264 -29.54 -16.48 -29.23
C SER A 264 -28.54 -16.66 -30.36
N MET A 265 -27.91 -17.83 -30.38
CA MET A 265 -26.80 -18.12 -31.28
C MET A 265 -27.25 -19.08 -32.37
N PHE A 266 -26.95 -18.74 -33.61
CA PHE A 266 -27.36 -19.53 -34.77
C PHE A 266 -26.12 -19.89 -35.58
N MET A 267 -25.81 -21.19 -35.62
CA MET A 267 -24.60 -21.67 -36.26
C MET A 267 -24.64 -21.45 -37.76
N THR A 268 -23.52 -21.02 -38.33
CA THR A 268 -23.41 -20.82 -39.77
C THR A 268 -22.23 -21.51 -40.42
N ASN A 269 -21.22 -21.95 -39.67
CA ASN A 269 -20.05 -22.57 -40.28
C ASN A 269 -19.38 -23.48 -39.26
N VAL A 270 -19.35 -24.78 -39.52
CA VAL A 270 -18.81 -25.75 -38.58
C VAL A 270 -17.66 -26.51 -39.22
N TRP A 271 -16.68 -26.87 -38.40
CA TRP A 271 -15.48 -27.57 -38.84
C TRP A 271 -15.10 -28.62 -37.79
N THR A 272 -14.60 -29.75 -38.27
CA THR A 272 -14.23 -30.89 -37.44
C THR A 272 -12.88 -31.43 -37.90
N PRO A 273 -11.90 -31.55 -37.00
CA PRO A 273 -10.61 -32.13 -37.39
C PRO A 273 -10.73 -33.62 -37.62
N PRO A 274 -9.77 -34.23 -38.33
CA PRO A 274 -9.88 -35.68 -38.58
C PRO A 274 -9.70 -36.52 -37.32
N ASN A 275 -8.81 -36.14 -36.42
CA ASN A 275 -8.64 -36.85 -35.15
C ASN A 275 -9.01 -35.93 -34.00
N PRO A 276 -10.11 -36.19 -33.29
CA PRO A 276 -10.51 -35.29 -32.19
C PRO A 276 -9.54 -35.27 -31.03
N SER A 277 -8.72 -36.29 -30.85
CA SER A 277 -7.86 -36.42 -29.68
C SER A 277 -6.51 -35.72 -29.85
N THR A 278 -6.30 -35.00 -30.95
CA THR A 278 -5.04 -34.31 -31.17
C THR A 278 -5.14 -32.79 -31.07
N ILE A 279 -6.34 -32.23 -31.00
CA ILE A 279 -6.54 -30.79 -30.93
C ILE A 279 -6.81 -30.39 -29.48
N HIS A 280 -6.06 -29.41 -28.99
CA HIS A 280 -6.16 -28.98 -27.60
C HIS A 280 -6.09 -27.47 -27.49
N HIS A 281 -6.76 -26.94 -26.45
CA HIS A 281 -6.56 -25.57 -25.99
C HIS A 281 -6.81 -24.54 -27.08
N CYS A 282 -7.98 -24.62 -27.70
CA CYS A 282 -8.31 -23.66 -28.74
C CYS A 282 -8.64 -22.30 -28.15
N SER A 283 -8.50 -21.27 -28.98
CA SER A 283 -8.77 -19.89 -28.58
C SER A 283 -9.20 -19.11 -29.82
N SER A 284 -10.36 -18.46 -29.76
CA SER A 284 -10.96 -17.83 -30.93
C SER A 284 -10.88 -16.31 -30.83
N THR A 285 -10.44 -15.68 -31.91
CA THR A 285 -10.36 -14.22 -31.99
C THR A 285 -11.01 -13.77 -33.29
N TYR A 286 -11.93 -12.81 -33.20
CA TYR A 286 -12.66 -12.32 -34.35
C TYR A 286 -11.90 -11.21 -35.04
N HIS A 287 -11.93 -11.22 -36.38
CA HIS A 287 -11.38 -10.12 -37.17
C HIS A 287 -12.18 -10.01 -38.45
N GLU A 288 -12.89 -8.89 -38.60
CA GLU A 288 -13.59 -8.54 -39.83
C GLU A 288 -14.47 -9.67 -40.36
N ASP A 289 -13.94 -10.48 -41.28
CA ASP A 289 -14.76 -11.49 -41.93
C ASP A 289 -14.74 -12.85 -41.24
N PHE A 290 -13.77 -13.10 -40.36
CA PHE A 290 -13.54 -14.45 -39.87
C PHE A 290 -13.44 -14.47 -38.35
N TYR A 291 -13.51 -15.69 -37.82
CA TYR A 291 -12.93 -16.05 -36.53
C TYR A 291 -11.70 -16.90 -36.79
N TYR A 292 -10.56 -16.48 -36.24
CA TYR A 292 -9.33 -17.25 -36.26
C TYR A 292 -9.23 -18.01 -34.95
N THR A 293 -9.20 -19.33 -35.01
CA THR A 293 -9.08 -20.15 -33.83
C THR A 293 -7.71 -20.80 -33.81
N LEU A 294 -6.91 -20.45 -32.81
CA LEU A 294 -5.57 -20.99 -32.61
C LEU A 294 -5.65 -22.14 -31.62
N CYS A 295 -5.21 -23.32 -32.06
CA CYS A 295 -5.25 -24.51 -31.22
C CYS A 295 -3.86 -25.12 -31.17
N ALA A 296 -3.66 -25.98 -30.17
CA ALA A 296 -2.43 -26.75 -30.04
C ALA A 296 -2.67 -28.18 -30.53
N VAL A 297 -1.66 -28.74 -31.18
CA VAL A 297 -1.72 -30.11 -31.70
C VAL A 297 -0.74 -30.95 -30.88
N SER A 298 -1.26 -32.02 -30.27
CA SER A 298 -0.47 -32.84 -29.37
C SER A 298 -0.82 -34.31 -29.56
N HIS A 299 0.21 -35.14 -29.74
CA HIS A 299 0.04 -36.59 -29.77
C HIS A 299 0.37 -37.23 -28.43
N VAL A 300 0.58 -36.44 -27.39
CA VAL A 300 0.91 -36.94 -26.06
C VAL A 300 -0.15 -36.51 -25.04
N GLY A 301 -1.31 -36.06 -25.51
CA GLY A 301 -2.35 -35.61 -24.61
C GLY A 301 -2.27 -34.12 -24.33
N ASP A 302 -2.85 -33.72 -23.21
CA ASP A 302 -2.86 -32.32 -22.81
C ASP A 302 -1.44 -31.86 -22.52
N PRO A 303 -0.94 -30.82 -23.20
CA PRO A 303 0.42 -30.35 -22.90
C PRO A 303 0.61 -29.82 -21.49
N ILE A 304 -0.48 -29.54 -20.76
CA ILE A 304 -0.31 -29.09 -19.38
C ILE A 304 0.09 -30.26 -18.48
N LEU A 305 -0.35 -31.46 -18.80
CA LEU A 305 -0.07 -32.66 -18.00
C LEU A 305 1.12 -33.46 -18.52
N ASN A 306 1.59 -33.19 -19.73
CA ASN A 306 2.76 -33.84 -20.30
C ASN A 306 3.62 -32.79 -20.99
N SER A 307 3.98 -31.74 -20.24
CA SER A 307 4.63 -30.57 -20.84
C SER A 307 5.95 -30.94 -21.49
N THR A 308 6.79 -31.70 -20.78
CA THR A 308 8.13 -31.99 -21.26
C THR A 308 8.11 -32.84 -22.52
N SER A 309 7.13 -33.74 -22.66
CA SER A 309 7.09 -34.62 -23.82
C SER A 309 6.53 -33.92 -25.05
N TRP A 310 5.60 -32.99 -24.87
CA TRP A 310 4.92 -32.35 -25.99
C TRP A 310 5.91 -31.62 -26.89
N THR A 311 5.81 -31.88 -28.19
CA THR A 311 6.54 -31.12 -29.20
C THR A 311 5.63 -30.00 -29.69
N GLU A 312 6.06 -28.75 -29.48
CA GLU A 312 5.21 -27.60 -29.75
C GLU A 312 4.76 -27.57 -31.21
N SER A 313 3.46 -27.68 -31.42
CA SER A 313 2.86 -27.63 -32.75
C SER A 313 1.53 -26.90 -32.64
N LEU A 314 1.42 -25.77 -33.33
CA LEU A 314 0.24 -24.91 -33.25
C LEU A 314 -0.42 -24.80 -34.61
N SER A 315 -1.76 -24.80 -34.61
CA SER A 315 -2.55 -24.71 -35.84
C SER A 315 -3.51 -23.55 -35.74
N LEU A 316 -3.91 -23.05 -36.91
CA LEU A 316 -4.86 -21.95 -37.02
C LEU A 316 -5.96 -22.35 -37.98
N ILE A 317 -7.19 -22.43 -37.49
CA ILE A 317 -8.34 -22.71 -38.33
C ILE A 317 -9.14 -21.42 -38.46
N ARG A 318 -9.29 -20.94 -39.68
CA ARG A 318 -9.99 -19.70 -39.99
C ARG A 318 -11.36 -20.04 -40.55
N LEU A 319 -12.40 -19.48 -39.94
CA LEU A 319 -13.79 -19.75 -40.30
C LEU A 319 -14.52 -18.46 -40.60
N ALA A 320 -15.14 -18.38 -41.77
CA ALA A 320 -15.91 -17.20 -42.14
C ALA A 320 -17.23 -17.16 -41.36
N VAL A 321 -17.59 -15.98 -40.87
CA VAL A 321 -18.85 -15.84 -40.14
C VAL A 321 -20.04 -15.82 -41.08
N ARG A 322 -19.86 -15.43 -42.34
CA ARG A 322 -20.90 -15.55 -43.36
C ARG A 322 -20.29 -16.23 -44.57
N PRO A 323 -20.37 -17.56 -44.64
CA PRO A 323 -19.77 -18.28 -45.77
C PRO A 323 -20.44 -17.94 -47.09
N LYS A 324 -19.68 -18.08 -48.17
CA LYS A 324 -20.15 -17.84 -49.52
C LYS A 324 -19.82 -19.05 -50.39
N SER A 325 -20.72 -19.40 -51.29
CA SER A 325 -20.53 -20.59 -52.11
C SER A 325 -19.47 -20.35 -53.17
N ASP A 326 -18.74 -21.43 -53.50
CA ASP A 326 -17.75 -21.42 -54.59
C ASP A 326 -16.66 -20.38 -54.38
N SER A 327 -16.23 -20.23 -53.13
CA SER A 327 -15.36 -19.12 -52.73
C SER A 327 -13.99 -19.59 -52.25
N GLY A 328 -13.52 -20.74 -52.73
CA GLY A 328 -12.16 -21.17 -52.41
C GLY A 328 -11.98 -21.43 -50.93
N ASP A 329 -10.93 -20.83 -50.35
CA ASP A 329 -10.58 -21.01 -48.95
C ASP A 329 -11.21 -19.95 -48.04
N TYR A 330 -12.28 -19.28 -48.49
CA TYR A 330 -12.90 -18.26 -47.66
C TYR A 330 -13.63 -18.87 -46.48
N ASN A 331 -14.46 -19.88 -46.72
CA ASN A 331 -15.28 -20.46 -45.66
C ASN A 331 -14.41 -21.07 -44.56
N GLN A 332 -13.54 -22.01 -44.93
CA GLN A 332 -12.70 -22.73 -43.98
C GLN A 332 -11.28 -22.79 -44.52
N LYS A 333 -10.31 -22.48 -43.67
CA LYS A 333 -8.91 -22.52 -44.07
C LYS A 333 -8.04 -23.01 -42.92
N TYR A 334 -7.21 -24.01 -43.19
CA TYR A 334 -6.30 -24.56 -42.19
C TYR A 334 -4.88 -24.06 -42.47
N ILE A 335 -4.21 -23.60 -41.42
CA ILE A 335 -2.87 -23.02 -41.53
C ILE A 335 -2.01 -23.66 -40.44
N ALA A 336 -1.02 -24.46 -40.85
CA ALA A 336 -0.04 -24.98 -39.91
C ALA A 336 0.99 -23.89 -39.65
N ILE A 337 1.10 -23.47 -38.39
CA ILE A 337 1.98 -22.36 -38.02
C ILE A 337 3.41 -22.88 -37.95
N THR A 338 4.28 -22.31 -38.78
CA THR A 338 5.68 -22.75 -38.87
C THR A 338 6.62 -21.91 -38.02
N LYS A 339 6.40 -20.60 -37.93
CA LYS A 339 7.37 -19.70 -37.31
C LYS A 339 6.78 -19.09 -36.04
N VAL A 340 7.44 -19.34 -34.92
CA VAL A 340 7.00 -18.86 -33.62
C VAL A 340 8.21 -18.34 -32.85
N GLU A 341 8.12 -17.10 -32.38
CA GLU A 341 9.14 -16.49 -31.54
C GLU A 341 8.68 -16.55 -30.09
N ARG A 342 9.50 -17.18 -29.24
CA ARG A 342 9.15 -17.44 -27.86
C ARG A 342 9.99 -16.69 -26.83
N GLY A 343 11.10 -16.09 -27.24
CA GLY A 343 11.95 -15.43 -26.27
C GLY A 343 12.66 -16.46 -25.40
N LYS A 344 12.57 -16.25 -24.08
CA LYS A 344 13.24 -17.13 -23.13
C LYS A 344 12.51 -18.44 -22.89
N TYR A 345 11.32 -18.60 -23.45
CA TYR A 345 10.48 -19.76 -23.14
C TYR A 345 10.72 -20.87 -24.15
N ASP A 346 10.76 -22.11 -23.66
CA ASP A 346 10.99 -23.27 -24.53
C ASP A 346 9.78 -23.55 -25.41
N LYS A 347 8.57 -23.40 -24.86
CA LYS A 347 7.35 -23.71 -25.58
C LYS A 347 6.29 -22.68 -25.23
N VAL A 348 5.38 -22.44 -26.17
CA VAL A 348 4.26 -21.54 -25.97
C VAL A 348 3.00 -22.22 -26.52
N MET A 349 1.85 -21.82 -26.00
CA MET A 349 0.61 -22.49 -26.32
C MET A 349 -0.55 -21.52 -26.10
N PRO A 350 -1.62 -21.61 -26.89
CA PRO A 350 -2.84 -20.88 -26.54
C PRO A 350 -3.44 -21.43 -25.27
N TYR A 351 -3.93 -20.53 -24.40
CA TYR A 351 -4.40 -20.92 -23.08
C TYR A 351 -5.50 -19.92 -22.67
N GLY A 352 -6.70 -20.14 -23.21
CA GLY A 352 -7.83 -19.29 -22.95
C GLY A 352 -8.87 -19.34 -24.05
N PRO A 353 -10.08 -18.89 -23.75
CA PRO A 353 -11.17 -19.03 -24.74
C PRO A 353 -11.14 -18.04 -25.89
N SER A 354 -10.76 -16.78 -25.66
CA SER A 354 -10.85 -15.80 -26.73
C SER A 354 -9.88 -14.66 -26.50
N GLY A 355 -9.43 -14.06 -27.61
CA GLY A 355 -8.55 -12.91 -27.59
C GLY A 355 -9.15 -11.72 -28.32
N ILE A 356 -8.35 -10.70 -28.61
CA ILE A 356 -8.83 -9.48 -29.23
C ILE A 356 -8.10 -9.23 -30.53
N LYS A 357 -8.60 -8.25 -31.28
CA LYS A 357 -7.90 -7.70 -32.42
C LYS A 357 -7.66 -6.22 -32.17
N GLN A 358 -6.47 -5.76 -32.56
CA GLN A 358 -6.15 -4.34 -32.57
C GLN A 358 -5.62 -4.02 -33.97
N GLY A 359 -6.37 -3.21 -34.71
CA GLY A 359 -6.08 -2.98 -36.10
C GLY A 359 -6.14 -4.28 -36.89
N ASP A 360 -4.99 -4.72 -37.39
CA ASP A 360 -4.89 -5.98 -38.11
C ASP A 360 -4.05 -7.01 -37.36
N THR A 361 -3.90 -6.85 -36.04
CA THR A 361 -3.08 -7.75 -35.24
C THR A 361 -3.96 -8.48 -34.23
N LEU A 362 -3.86 -9.81 -34.21
CA LEU A 362 -4.63 -10.65 -33.31
C LEU A 362 -3.81 -11.00 -32.08
N TYR A 363 -4.47 -11.03 -30.92
CA TYR A 363 -3.85 -11.42 -29.66
C TYR A 363 -4.70 -12.50 -29.02
N PHE A 364 -4.10 -13.67 -28.80
CA PHE A 364 -4.71 -14.82 -28.15
C PHE A 364 -4.19 -14.98 -26.73
N PRO A 365 -5.04 -15.36 -25.78
CA PRO A 365 -4.52 -15.74 -24.47
C PRO A 365 -3.61 -16.94 -24.60
N ALA A 366 -2.48 -16.91 -23.91
CA ALA A 366 -1.46 -17.93 -24.12
C ALA A 366 -0.69 -18.15 -22.82
N VAL A 367 0.12 -19.20 -22.84
CA VAL A 367 1.02 -19.52 -21.75
C VAL A 367 2.36 -19.95 -22.32
N GLY A 368 3.42 -19.64 -21.59
CA GLY A 368 4.76 -20.08 -21.94
C GLY A 368 5.29 -20.99 -20.84
N PHE A 369 5.99 -22.04 -21.27
CA PHE A 369 6.59 -23.02 -20.36
C PHE A 369 8.05 -22.63 -20.18
N LEU A 370 8.42 -22.20 -18.98
CA LEU A 370 9.80 -21.80 -18.71
C LEU A 370 10.44 -22.76 -17.71
N PRO A 371 11.58 -23.35 -18.02
CA PRO A 371 12.23 -24.23 -17.05
C PRO A 371 12.52 -23.50 -15.75
N ARG A 372 12.26 -24.17 -14.64
CA ARG A 372 12.50 -23.60 -13.31
C ARG A 372 13.94 -23.16 -13.13
N THR A 373 14.88 -23.76 -13.86
CA THR A 373 16.28 -23.34 -13.75
C THR A 373 16.51 -21.95 -14.31
N GLU A 374 15.66 -21.51 -15.23
CA GLU A 374 15.76 -20.17 -15.82
C GLU A 374 14.77 -19.19 -15.20
N PHE A 375 14.03 -19.60 -14.18
CA PHE A 375 12.97 -18.78 -13.58
C PHE A 375 13.60 -17.88 -12.52
N GLN A 376 13.79 -16.62 -12.84
CA GLN A 376 14.36 -15.63 -11.91
C GLN A 376 13.21 -14.98 -11.16
N TYR A 377 13.00 -15.42 -9.93
CA TYR A 377 11.95 -14.88 -9.07
C TYR A 377 12.53 -14.70 -7.68
N ASN A 378 12.44 -13.48 -7.15
CA ASN A 378 12.88 -13.22 -5.79
C ASN A 378 11.76 -13.59 -4.83
N ASP A 379 12.04 -14.51 -3.89
CA ASP A 379 11.06 -14.87 -2.88
C ASP A 379 10.66 -13.70 -2.01
N SER A 380 11.41 -12.59 -2.05
CA SER A 380 11.04 -11.40 -1.31
C SER A 380 9.69 -10.84 -1.77
N ASN A 381 9.32 -11.12 -3.02
CA ASN A 381 8.06 -10.62 -3.57
C ASN A 381 6.86 -11.49 -3.22
N CYS A 382 7.07 -12.61 -2.54
CA CYS A 382 5.97 -13.46 -2.14
C CYS A 382 5.25 -12.82 -0.96
N PRO A 383 3.97 -12.45 -1.10
CA PRO A 383 3.25 -11.76 0.00
C PRO A 383 2.86 -12.71 1.14
N ILE A 384 3.83 -12.96 2.01
CA ILE A 384 3.65 -13.85 3.16
C ILE A 384 3.30 -13.11 4.43
N ILE A 385 3.18 -11.77 4.38
CA ILE A 385 3.03 -10.99 5.60
C ILE A 385 1.67 -11.29 6.22
N HIS A 386 1.67 -11.45 7.55
CA HIS A 386 0.51 -11.82 8.38
C HIS A 386 -0.01 -13.22 8.08
N CYS A 387 0.71 -14.01 7.29
CA CYS A 387 0.35 -15.40 6.99
C CYS A 387 1.19 -16.31 7.87
N LYS A 388 0.57 -16.87 8.91
CA LYS A 388 1.34 -17.55 9.96
C LYS A 388 2.04 -18.80 9.43
N TYR A 389 1.38 -19.57 8.56
CA TYR A 389 1.91 -20.85 8.12
C TYR A 389 2.37 -20.83 6.66
N SER A 390 2.66 -19.65 6.12
CA SER A 390 3.17 -19.54 4.77
C SER A 390 4.69 -19.35 4.79
N LYS A 391 5.33 -19.72 3.69
CA LYS A 391 6.75 -19.51 3.50
C LYS A 391 7.00 -18.76 2.21
N ALA A 392 8.05 -17.94 2.20
CA ALA A 392 8.35 -17.11 1.05
C ALA A 392 8.62 -17.93 -0.20
N GLU A 393 8.92 -19.22 -0.06
CA GLU A 393 9.14 -20.10 -1.20
C GLU A 393 7.84 -20.53 -1.88
N ASN A 394 6.69 -20.33 -1.24
CA ASN A 394 5.46 -20.95 -1.74
C ASN A 394 5.04 -20.39 -3.10
N CYS A 395 5.35 -19.12 -3.37
CA CYS A 395 4.96 -18.53 -4.65
C CYS A 395 5.70 -19.22 -5.81
N ARG A 396 7.02 -19.28 -5.72
CA ARG A 396 7.82 -19.85 -6.80
C ARG A 396 7.50 -21.31 -7.03
N LEU A 397 7.22 -22.05 -5.95
CA LEU A 397 6.84 -23.45 -6.10
C LEU A 397 5.43 -23.59 -6.66
N SER A 398 4.54 -22.66 -6.32
CA SER A 398 3.18 -22.67 -6.86
C SER A 398 3.12 -22.18 -8.30
N MET A 399 4.21 -21.64 -8.83
CA MET A 399 4.24 -21.28 -10.25
C MET A 399 4.27 -22.51 -11.20
N GLY A 400 4.19 -23.75 -10.71
CA GLY A 400 4.11 -24.91 -11.57
C GLY A 400 2.99 -25.83 -11.14
N VAL A 401 2.66 -26.78 -12.01
CA VAL A 401 1.55 -27.69 -11.73
C VAL A 401 1.82 -28.53 -10.50
N ASN A 402 3.09 -28.84 -10.23
CA ASN A 402 3.49 -29.46 -8.98
C ASN A 402 4.77 -28.79 -8.51
N SER A 403 5.07 -28.96 -7.22
CA SER A 403 6.20 -28.26 -6.63
C SER A 403 7.53 -28.69 -7.23
N LYS A 404 7.61 -29.87 -7.82
CA LYS A 404 8.81 -30.35 -8.48
C LYS A 404 8.68 -30.35 -10.00
N SER A 405 7.77 -29.55 -10.54
CA SER A 405 7.54 -29.53 -11.98
C SER A 405 8.78 -29.03 -12.72
N HIS A 406 8.97 -29.55 -13.93
CA HIS A 406 10.09 -29.09 -14.76
C HIS A 406 9.88 -27.66 -15.22
N TYR A 407 8.66 -27.31 -15.60
CA TYR A 407 8.34 -25.98 -16.10
C TYR A 407 7.53 -25.20 -15.06
N ILE A 408 7.63 -23.89 -15.15
CA ILE A 408 6.64 -22.97 -14.60
C ILE A 408 5.84 -22.43 -15.77
N LEU A 409 4.57 -22.14 -15.52
CA LEU A 409 3.67 -21.61 -16.55
C LEU A 409 3.54 -20.10 -16.35
N ARG A 410 3.74 -19.34 -17.42
CA ARG A 410 3.63 -17.88 -17.38
C ARG A 410 2.60 -17.44 -18.40
N SER A 411 1.56 -16.75 -17.94
CA SER A 411 0.52 -16.31 -18.85
C SER A 411 1.02 -15.18 -19.75
N GLY A 412 0.27 -14.94 -20.82
CA GLY A 412 0.62 -13.88 -21.75
C GLY A 412 -0.26 -13.91 -22.98
N LEU A 413 0.29 -13.38 -24.07
CA LEU A 413 -0.43 -13.27 -25.34
C LEU A 413 0.38 -13.89 -26.46
N LEU A 414 -0.33 -14.42 -27.45
CA LEU A 414 0.25 -14.84 -28.72
C LEU A 414 -0.23 -13.86 -29.79
N LYS A 415 0.72 -13.21 -30.45
CA LYS A 415 0.47 -12.10 -31.35
C LYS A 415 0.67 -12.57 -32.78
N TYR A 416 -0.30 -12.25 -33.63
CA TYR A 416 -0.30 -12.64 -35.05
C TYR A 416 -0.65 -11.39 -35.85
N ASN A 417 0.34 -10.78 -36.49
CA ASN A 417 0.14 -9.54 -37.23
C ASN A 417 -0.25 -9.90 -38.66
N LEU A 418 -1.52 -9.67 -39.00
CA LEU A 418 -2.02 -10.05 -40.32
C LEU A 418 -1.49 -9.16 -41.44
N SER A 419 -1.03 -7.95 -41.13
CA SER A 419 -0.47 -7.09 -42.16
C SER A 419 0.80 -7.68 -42.76
N LEU A 420 1.55 -8.46 -41.98
CA LEU A 420 2.75 -9.14 -42.47
C LEU A 420 2.34 -10.39 -43.25
N GLY A 421 1.68 -10.15 -44.39
CA GLY A 421 0.93 -11.21 -45.04
C GLY A 421 1.77 -12.41 -45.46
N GLY A 422 2.98 -12.15 -45.98
CA GLY A 422 3.84 -13.18 -46.51
C GLY A 422 3.91 -14.45 -45.70
N ASP A 423 4.53 -14.38 -44.52
CA ASP A 423 4.47 -15.47 -43.57
C ASP A 423 4.50 -14.87 -42.18
N ILE A 424 3.45 -15.09 -41.41
CA ILE A 424 3.24 -14.39 -40.15
C ILE A 424 3.85 -15.19 -39.02
N ILE A 425 4.79 -14.57 -38.31
CA ILE A 425 5.38 -15.17 -37.12
C ILE A 425 4.41 -15.01 -35.96
N LEU A 426 4.33 -16.02 -35.10
CA LEU A 426 3.53 -15.97 -33.89
C LEU A 426 4.46 -15.57 -32.74
N GLN A 427 4.24 -14.39 -32.16
CA GLN A 427 5.13 -13.85 -31.15
C GLN A 427 4.53 -14.02 -29.75
N PHE A 428 5.34 -14.43 -28.79
CA PHE A 428 4.86 -14.55 -27.41
C PHE A 428 5.20 -13.30 -26.61
N ILE A 429 4.23 -12.85 -25.81
CA ILE A 429 4.34 -11.65 -24.99
C ILE A 429 4.01 -12.06 -23.56
N GLU A 430 4.99 -12.04 -22.67
CA GLU A 430 4.77 -12.48 -21.30
C GLU A 430 4.00 -11.42 -20.51
N ILE A 431 3.13 -11.88 -19.62
CA ILE A 431 2.41 -10.97 -18.75
C ILE A 431 3.37 -10.39 -17.71
N ALA A 432 3.13 -9.15 -17.32
CA ALA A 432 3.96 -8.53 -16.29
C ALA A 432 3.83 -9.30 -14.98
N ASP A 433 4.78 -9.07 -14.07
CA ASP A 433 4.88 -9.84 -12.85
C ASP A 433 4.16 -9.18 -11.67
N ASN A 434 3.28 -8.23 -11.93
CA ASN A 434 2.49 -7.63 -10.86
C ASN A 434 1.37 -8.59 -10.47
N ARG A 435 1.37 -9.02 -9.21
CA ARG A 435 0.41 -10.01 -8.70
C ARG A 435 0.49 -11.29 -9.54
N LEU A 436 1.71 -11.79 -9.70
CA LEU A 436 1.95 -12.93 -10.57
C LEU A 436 1.36 -14.21 -9.98
N THR A 437 0.67 -14.97 -10.82
CA THR A 437 0.15 -16.28 -10.47
C THR A 437 0.48 -17.25 -11.60
N ILE A 438 0.31 -18.54 -11.32
CA ILE A 438 0.65 -19.56 -12.30
C ILE A 438 -0.13 -19.34 -13.58
N GLY A 439 0.51 -19.62 -14.72
CA GLY A 439 -0.14 -19.54 -16.00
C GLY A 439 -1.41 -20.37 -16.03
N SER A 440 -2.53 -19.73 -16.34
CA SER A 440 -3.85 -20.35 -16.28
C SER A 440 -4.67 -19.81 -17.43
N PRO A 441 -5.77 -20.49 -17.79
CA PRO A 441 -6.64 -19.97 -18.85
C PRO A 441 -7.06 -18.54 -18.58
N SER A 442 -6.88 -17.68 -19.59
CA SER A 442 -7.13 -16.26 -19.46
C SER A 442 -7.96 -15.79 -20.65
N LYS A 443 -8.42 -14.54 -20.55
CA LYS A 443 -9.23 -13.97 -21.60
C LYS A 443 -8.92 -12.48 -21.71
N ILE A 444 -8.70 -12.01 -22.92
CA ILE A 444 -8.59 -10.59 -23.20
C ILE A 444 -9.73 -10.21 -24.12
N TYR A 445 -10.46 -9.16 -23.76
CA TYR A 445 -11.64 -8.76 -24.51
C TYR A 445 -11.77 -7.25 -24.48
N ASN A 446 -12.35 -6.69 -25.53
CA ASN A 446 -12.60 -5.26 -25.56
C ASN A 446 -13.96 -4.96 -24.94
N SER A 447 -14.00 -3.92 -24.12
CA SER A 447 -15.24 -3.44 -23.52
C SER A 447 -15.16 -1.93 -23.41
N LEU A 448 -16.24 -1.25 -23.82
CA LEU A 448 -16.30 0.20 -23.85
C LEU A 448 -15.06 0.80 -24.50
N GLY A 449 -14.57 0.13 -25.55
CA GLY A 449 -13.43 0.63 -26.31
C GLY A 449 -12.10 0.56 -25.62
N GLN A 450 -11.93 -0.36 -24.66
CA GLN A 450 -10.63 -0.55 -24.02
C GLN A 450 -10.44 -2.03 -23.73
N PRO A 451 -9.19 -2.50 -23.69
CA PRO A 451 -8.95 -3.92 -23.41
C PRO A 451 -9.04 -4.24 -21.91
N VAL A 452 -9.66 -5.37 -21.62
CA VAL A 452 -9.79 -5.91 -20.27
C VAL A 452 -9.23 -7.33 -20.29
N PHE A 453 -8.65 -7.74 -19.17
CA PHE A 453 -8.01 -9.04 -19.05
C PHE A 453 -8.51 -9.73 -17.79
N TYR A 454 -8.84 -11.01 -17.93
CA TYR A 454 -9.17 -11.89 -16.82
C TYR A 454 -8.20 -13.06 -16.83
N GLN A 455 -7.78 -13.49 -15.65
CA GLN A 455 -6.95 -14.68 -15.53
C GLN A 455 -7.52 -15.59 -14.45
N ALA A 456 -7.72 -16.86 -14.80
CA ALA A 456 -8.25 -17.82 -13.84
C ALA A 456 -7.28 -18.01 -12.69
N SER A 457 -7.83 -18.15 -11.48
CA SER A 457 -7.03 -18.34 -10.27
C SER A 457 -6.84 -19.83 -10.05
N TYR A 458 -5.74 -20.37 -10.56
CA TYR A 458 -5.41 -21.78 -10.40
C TYR A 458 -4.36 -22.01 -9.32
N SER A 459 -4.22 -21.08 -8.37
CA SER A 459 -3.21 -21.21 -7.33
C SER A 459 -3.70 -20.66 -6.00
N TRP A 460 -2.78 -20.09 -5.22
CA TRP A 460 -3.09 -19.65 -3.87
C TRP A 460 -3.88 -18.34 -3.85
N ASP A 461 -3.71 -17.49 -4.87
CA ASP A 461 -4.42 -16.21 -4.94
C ASP A 461 -5.80 -16.47 -5.51
N THR A 462 -6.76 -16.76 -4.62
CA THR A 462 -8.07 -17.23 -5.03
C THR A 462 -9.06 -16.11 -5.36
N MET A 463 -8.79 -14.89 -4.95
CA MET A 463 -9.66 -13.78 -5.32
C MET A 463 -9.53 -13.52 -6.82
N ILE A 464 -10.63 -13.05 -7.43
CA ILE A 464 -10.70 -12.97 -8.88
C ILE A 464 -9.67 -11.97 -9.41
N LYS A 465 -9.04 -12.33 -10.52
CA LYS A 465 -8.00 -11.52 -11.14
C LYS A 465 -8.52 -11.01 -12.48
N LEU A 466 -8.84 -9.72 -12.53
CA LEU A 466 -9.27 -9.08 -13.76
C LEU A 466 -8.97 -7.60 -13.65
N GLY A 467 -8.94 -6.94 -14.80
CA GLY A 467 -8.71 -5.50 -14.81
C GLY A 467 -8.42 -5.00 -16.20
N ASP A 468 -8.38 -3.66 -16.31
CA ASP A 468 -8.05 -3.02 -17.56
C ASP A 468 -6.59 -3.25 -17.92
N VAL A 469 -6.32 -3.38 -19.20
CA VAL A 469 -4.96 -3.57 -19.70
C VAL A 469 -4.29 -2.20 -19.82
N ASP A 470 -3.15 -2.03 -19.15
CA ASP A 470 -2.36 -0.82 -19.34
C ASP A 470 -1.69 -0.83 -20.70
N THR A 471 -0.84 -1.83 -20.94
CA THR A 471 -0.19 -2.02 -22.22
C THR A 471 -0.39 -3.46 -22.68
N VAL A 472 -0.65 -3.64 -23.97
CA VAL A 472 -0.76 -4.98 -24.52
C VAL A 472 0.61 -5.59 -24.72
N ASP A 473 1.57 -4.80 -25.21
CA ASP A 473 2.92 -5.29 -25.47
C ASP A 473 3.94 -4.32 -24.87
N PRO A 474 4.58 -4.65 -23.75
CA PRO A 474 4.42 -5.87 -22.94
C PRO A 474 3.10 -5.88 -22.18
N LEU A 475 2.57 -7.06 -21.86
CA LEU A 475 1.25 -7.18 -21.25
C LEU A 475 1.32 -6.87 -19.77
N ARG A 476 0.65 -5.79 -19.36
CA ARG A 476 0.47 -5.45 -17.96
C ARG A 476 -1.00 -5.14 -17.71
N VAL A 477 -1.52 -5.67 -16.61
CA VAL A 477 -2.93 -5.53 -16.26
C VAL A 477 -3.03 -4.85 -14.90
N GLN A 478 -3.89 -3.83 -14.81
CA GLN A 478 -4.17 -3.21 -13.52
C GLN A 478 -5.28 -4.00 -12.85
N TRP A 479 -4.87 -5.07 -12.17
CA TRP A 479 -5.83 -5.96 -11.52
C TRP A 479 -6.71 -5.18 -10.55
N ARG A 480 -8.02 -5.41 -10.63
CA ARG A 480 -8.90 -4.90 -9.61
C ARG A 480 -8.55 -5.54 -8.28
N ASN A 481 -8.67 -4.76 -7.21
CA ASN A 481 -8.55 -5.31 -5.85
C ASN A 481 -9.94 -5.74 -5.37
N ASN A 482 -10.43 -6.79 -6.02
CA ASN A 482 -11.76 -7.30 -5.75
C ASN A 482 -11.75 -8.16 -4.50
N SER A 483 -12.75 -7.97 -3.65
CA SER A 483 -12.83 -8.64 -2.36
C SER A 483 -14.12 -9.43 -2.19
N VAL A 484 -14.86 -9.69 -3.28
CA VAL A 484 -16.14 -10.39 -3.17
C VAL A 484 -16.23 -11.63 -4.04
N ILE A 485 -15.45 -11.74 -5.12
CA ILE A 485 -15.57 -12.86 -6.05
C ILE A 485 -14.32 -13.72 -5.94
N SER A 486 -14.52 -15.02 -5.82
CA SER A 486 -13.43 -15.98 -5.74
C SER A 486 -13.87 -17.25 -6.46
N ARG A 487 -13.18 -18.36 -6.22
CA ARG A 487 -13.47 -19.61 -6.90
C ARG A 487 -13.25 -20.76 -5.92
N PRO A 488 -13.90 -21.90 -6.15
CA PRO A 488 -13.70 -23.05 -5.25
C PRO A 488 -12.29 -23.62 -5.42
N GLY A 489 -11.82 -24.24 -4.35
CA GLY A 489 -10.54 -24.91 -4.38
C GLY A 489 -10.60 -26.27 -3.71
N GLN A 490 -9.47 -26.77 -3.23
CA GLN A 490 -9.49 -28.00 -2.44
C GLN A 490 -9.02 -27.70 -1.01
N SER A 491 -8.32 -28.65 -0.41
CA SER A 491 -7.91 -28.49 0.99
C SER A 491 -6.94 -27.33 1.14
N GLN A 492 -5.92 -27.27 0.28
CA GLN A 492 -4.82 -26.32 0.51
C GLN A 492 -5.24 -24.89 0.22
N CYS A 493 -5.97 -24.66 -0.87
CA CYS A 493 -6.33 -23.32 -1.32
C CYS A 493 -7.82 -23.24 -1.60
N PRO A 494 -8.65 -23.27 -0.55
CA PRO A 494 -10.10 -23.13 -0.77
C PRO A 494 -10.47 -21.71 -1.21
N ARG A 495 -11.78 -21.46 -1.34
CA ARG A 495 -12.24 -20.13 -1.72
C ARG A 495 -11.82 -19.10 -0.68
N PHE A 496 -11.54 -17.89 -1.16
CA PHE A 496 -11.16 -16.70 -0.38
C PHE A 496 -9.77 -16.77 0.22
N ASN A 497 -8.99 -17.81 -0.07
CA ASN A 497 -7.62 -17.88 0.45
C ASN A 497 -6.77 -16.78 -0.17
N VAL A 498 -5.99 -16.09 0.67
CA VAL A 498 -5.09 -15.05 0.19
C VAL A 498 -3.68 -15.30 0.72
N CYS A 499 -3.46 -16.46 1.33
CA CYS A 499 -2.08 -16.68 1.75
C CYS A 499 -1.38 -17.65 0.81
N PRO A 500 -0.10 -17.41 0.52
CA PRO A 500 0.63 -18.27 -0.41
C PRO A 500 0.77 -19.70 0.12
N GLU A 501 0.24 -20.65 -0.64
CA GLU A 501 0.41 -22.07 -0.41
C GLU A 501 0.92 -22.70 -1.69
N VAL A 502 1.29 -23.98 -1.62
CA VAL A 502 1.74 -24.74 -2.77
C VAL A 502 0.54 -25.56 -3.26
N CYS A 503 -0.14 -25.05 -4.28
CA CYS A 503 -1.37 -25.67 -4.74
C CYS A 503 -1.59 -25.33 -6.21
N TRP A 504 -2.20 -26.28 -6.93
CA TRP A 504 -2.66 -26.08 -8.29
C TRP A 504 -4.10 -26.56 -8.32
N GLU A 505 -5.03 -25.64 -8.08
CA GLU A 505 -6.44 -25.99 -7.99
C GLU A 505 -7.27 -24.74 -8.23
N GLY A 506 -8.43 -24.93 -8.82
CA GLY A 506 -9.33 -23.82 -9.14
C GLY A 506 -10.07 -24.09 -10.42
N THR A 507 -10.87 -23.10 -10.81
CA THR A 507 -11.71 -23.21 -12.00
C THR A 507 -11.66 -21.88 -12.75
N TYR A 508 -11.97 -21.96 -14.05
CA TYR A 508 -12.10 -20.77 -14.89
C TYR A 508 -13.54 -20.27 -14.81
N ASN A 509 -13.71 -19.05 -14.31
CA ASN A 509 -15.02 -18.40 -14.21
C ASN A 509 -14.80 -16.91 -14.46
N ASP A 510 -14.85 -16.51 -15.73
CA ASP A 510 -14.47 -15.16 -16.11
C ASP A 510 -15.58 -14.16 -15.80
N ALA A 511 -15.32 -12.89 -16.10
CA ALA A 511 -16.26 -11.82 -15.86
C ALA A 511 -16.06 -10.74 -16.92
N PHE A 512 -17.16 -10.15 -17.36
CA PHE A 512 -17.16 -9.15 -18.42
C PHE A 512 -17.51 -7.79 -17.82
N LEU A 513 -16.66 -6.80 -18.07
CA LEU A 513 -16.89 -5.44 -17.60
C LEU A 513 -17.98 -4.78 -18.43
N ILE A 514 -19.06 -4.34 -17.77
CA ILE A 514 -20.20 -3.75 -18.46
C ILE A 514 -20.34 -2.27 -18.18
N ASP A 515 -19.47 -1.68 -17.37
CA ASP A 515 -19.56 -0.27 -17.00
C ASP A 515 -18.22 0.14 -16.42
N ARG A 516 -17.43 0.90 -17.18
CA ARG A 516 -16.10 1.27 -16.71
C ARG A 516 -16.14 2.42 -15.71
N LEU A 517 -17.10 3.34 -15.84
CA LEU A 517 -17.15 4.49 -14.96
C LEU A 517 -17.37 4.08 -13.50
N ASN A 518 -18.08 2.98 -13.27
CA ASN A 518 -18.26 2.42 -11.93
C ASN A 518 -17.56 1.09 -11.76
N TRP A 519 -16.89 0.60 -12.79
CA TRP A 519 -16.24 -0.72 -12.83
C TRP A 519 -17.16 -1.81 -12.29
N VAL A 520 -18.27 -2.01 -12.99
CA VAL A 520 -19.24 -3.05 -12.71
C VAL A 520 -19.03 -4.17 -13.72
N SER A 521 -19.12 -5.42 -13.25
CA SER A 521 -18.90 -6.58 -14.10
C SER A 521 -19.99 -7.61 -13.89
N ALA A 522 -20.17 -8.45 -14.90
CA ALA A 522 -21.14 -9.55 -14.86
C ALA A 522 -20.41 -10.85 -15.13
N GLY A 523 -20.70 -11.88 -14.34
CA GLY A 523 -20.07 -13.17 -14.54
C GLY A 523 -20.71 -14.23 -13.68
N VAL A 524 -20.45 -15.48 -14.03
CA VAL A 524 -20.95 -16.63 -13.29
C VAL A 524 -19.84 -17.16 -12.39
N TYR A 525 -20.11 -17.23 -11.10
CA TYR A 525 -19.16 -17.80 -10.14
C TYR A 525 -19.81 -19.00 -9.44
N LEU A 526 -18.96 -19.87 -8.93
CA LEU A 526 -19.42 -21.07 -8.22
C LEU A 526 -19.49 -20.75 -6.73
N ASN A 527 -20.69 -20.92 -6.14
CA ASN A 527 -20.94 -20.50 -4.76
C ASN A 527 -20.68 -21.68 -3.83
N SER A 528 -19.40 -21.96 -3.61
CA SER A 528 -18.98 -23.05 -2.75
C SER A 528 -17.49 -22.88 -2.46
N ASN A 529 -17.07 -23.34 -1.28
CA ASN A 529 -15.69 -23.12 -0.86
C ASN A 529 -14.74 -24.16 -1.44
N GLN A 530 -15.09 -25.45 -1.35
CA GLN A 530 -14.19 -26.50 -1.76
C GLN A 530 -14.79 -27.48 -2.76
N THR A 531 -15.90 -27.12 -3.41
CA THR A 531 -16.51 -27.97 -4.43
C THR A 531 -16.97 -27.10 -5.59
N ALA A 532 -16.73 -27.57 -6.81
CA ALA A 532 -17.13 -26.84 -8.01
C ALA A 532 -18.61 -27.11 -8.24
N GLU A 533 -19.45 -26.19 -7.79
CA GLU A 533 -20.90 -26.37 -7.83
C GLU A 533 -21.57 -25.02 -7.57
N ASN A 534 -22.90 -25.00 -7.75
CA ASN A 534 -23.75 -23.83 -7.55
C ASN A 534 -23.34 -22.66 -8.43
N PRO A 535 -23.62 -22.70 -9.73
CA PRO A 535 -23.36 -21.54 -10.57
C PRO A 535 -24.34 -20.41 -10.23
N VAL A 536 -23.81 -19.20 -10.07
CA VAL A 536 -24.59 -18.01 -9.76
C VAL A 536 -24.11 -16.90 -10.68
N PHE A 537 -25.03 -16.33 -11.45
CA PHE A 537 -24.73 -15.17 -12.28
C PHE A 537 -24.86 -13.91 -11.42
N ALA A 538 -23.78 -13.15 -11.33
CA ALA A 538 -23.72 -11.98 -10.46
C ALA A 538 -23.23 -10.77 -11.24
N VAL A 539 -23.85 -9.63 -10.95
CA VAL A 539 -23.39 -8.31 -11.33
C VAL A 539 -22.83 -7.67 -10.08
N PHE A 540 -21.55 -7.31 -10.12
CA PHE A 540 -20.79 -6.96 -8.92
C PHE A 540 -19.80 -5.84 -9.22
N LYS A 541 -19.44 -5.12 -8.16
CA LYS A 541 -18.34 -4.16 -8.18
C LYS A 541 -17.13 -4.78 -7.49
N ASP A 542 -16.12 -3.96 -7.22
CA ASP A 542 -14.90 -4.47 -6.60
C ASP A 542 -15.14 -4.98 -5.19
N ASN A 543 -15.94 -4.26 -4.41
CA ASN A 543 -16.13 -4.57 -3.00
C ASN A 543 -17.57 -4.92 -2.64
N GLU A 544 -18.42 -5.20 -3.61
CA GLU A 544 -19.79 -5.59 -3.31
C GLU A 544 -20.41 -6.26 -4.53
N ILE A 545 -21.24 -7.27 -4.28
CA ILE A 545 -22.06 -7.87 -5.31
C ILE A 545 -23.38 -7.11 -5.36
N LEU A 546 -23.64 -6.45 -6.49
CA LEU A 546 -24.84 -5.63 -6.60
C LEU A 546 -26.09 -6.50 -6.62
N TYR A 547 -26.16 -7.45 -7.56
CA TYR A 547 -27.31 -8.35 -7.60
C TYR A 547 -26.95 -9.62 -8.35
N GLN A 548 -27.52 -10.73 -7.93
CA GLN A 548 -27.18 -12.02 -8.49
C GLN A 548 -28.41 -12.92 -8.58
N VAL A 549 -28.22 -14.07 -9.21
CA VAL A 549 -29.28 -15.07 -9.41
C VAL A 549 -28.63 -16.42 -9.64
N PRO A 550 -29.03 -17.47 -8.90
CA PRO A 550 -28.49 -18.80 -9.18
C PRO A 550 -28.96 -19.30 -10.54
N LEU A 551 -28.19 -20.23 -11.10
CA LEU A 551 -28.49 -20.81 -12.40
C LEU A 551 -28.88 -22.27 -12.30
N ALA A 552 -28.91 -22.85 -11.11
CA ALA A 552 -29.31 -24.23 -10.92
C ALA A 552 -29.52 -24.47 -9.43
N GLU A 553 -30.03 -25.66 -9.11
CA GLU A 553 -30.32 -26.02 -7.73
C GLU A 553 -29.04 -26.08 -6.90
N ASP A 554 -29.19 -26.35 -5.60
CA ASP A 554 -28.07 -26.21 -4.68
C ASP A 554 -26.98 -27.25 -4.95
N ASP A 555 -27.36 -28.51 -5.16
CA ASP A 555 -26.37 -29.58 -5.25
C ASP A 555 -25.83 -29.79 -6.66
N THR A 556 -26.17 -28.92 -7.60
CA THR A 556 -25.79 -29.12 -8.99
C THR A 556 -24.32 -28.79 -9.22
N ASN A 557 -23.59 -29.72 -9.82
CA ASN A 557 -22.17 -29.55 -10.05
C ASN A 557 -21.92 -28.71 -11.30
N ALA A 558 -20.91 -27.84 -11.23
CA ALA A 558 -20.58 -26.96 -12.33
C ALA A 558 -19.07 -26.84 -12.44
N GLN A 559 -18.61 -26.34 -13.59
CA GLN A 559 -17.18 -26.19 -13.84
C GLN A 559 -16.88 -24.85 -14.50
N LYS A 560 -16.24 -24.90 -15.66
CA LYS A 560 -15.86 -23.68 -16.37
C LYS A 560 -17.10 -22.89 -16.78
N THR A 561 -16.99 -21.56 -16.66
CA THR A 561 -18.03 -20.65 -17.10
C THR A 561 -17.39 -19.52 -17.88
N ILE A 562 -18.03 -19.16 -19.00
CA ILE A 562 -17.53 -18.12 -19.91
C ILE A 562 -18.67 -17.15 -20.17
N THR A 563 -18.47 -15.89 -19.80
CA THR A 563 -19.50 -14.86 -19.94
C THR A 563 -19.01 -13.77 -20.89
N ASP A 564 -19.83 -13.47 -21.90
CA ASP A 564 -19.54 -12.40 -22.85
C ASP A 564 -20.77 -11.51 -22.98
N CYS A 565 -20.57 -10.20 -22.90
CA CYS A 565 -21.68 -9.26 -22.92
C CYS A 565 -21.60 -8.35 -24.13
N PHE A 566 -22.75 -7.83 -24.54
CA PHE A 566 -22.90 -7.08 -25.78
C PHE A 566 -24.17 -6.23 -25.67
N LEU A 567 -24.50 -5.55 -26.77
CA LEU A 567 -25.66 -4.67 -26.83
C LEU A 567 -26.69 -5.23 -27.81
N LEU A 568 -27.95 -5.26 -27.39
CA LEU A 568 -29.07 -5.57 -28.27
C LEU A 568 -30.05 -4.40 -28.18
N GLU A 569 -30.21 -3.68 -29.28
CA GLU A 569 -31.02 -2.45 -29.30
C GLU A 569 -30.61 -1.52 -28.16
N ASN A 570 -29.30 -1.51 -27.88
CA ASN A 570 -28.65 -0.67 -26.88
C ASN A 570 -29.02 -1.04 -25.44
N VAL A 571 -29.51 -2.25 -25.19
CA VAL A 571 -29.61 -2.76 -23.83
C VAL A 571 -28.53 -3.83 -23.65
N ILE A 572 -27.88 -3.82 -22.50
CA ILE A 572 -26.75 -4.70 -22.24
C ILE A 572 -27.28 -6.10 -21.96
N TRP A 573 -26.90 -7.06 -22.79
CA TRP A 573 -27.16 -8.48 -22.55
C TRP A 573 -25.85 -9.19 -22.31
N CYS A 574 -25.93 -10.35 -21.68
CA CYS A 574 -24.78 -11.21 -21.46
C CYS A 574 -25.17 -12.65 -21.76
N ILE A 575 -24.26 -13.40 -22.37
CA ILE A 575 -24.45 -14.83 -22.61
C ILE A 575 -23.37 -15.57 -21.86
N SER A 576 -23.79 -16.58 -21.10
CA SER A 576 -22.90 -17.36 -20.24
C SER A 576 -23.00 -18.82 -20.63
N LEU A 577 -21.86 -19.41 -20.98
CA LEU A 577 -21.71 -20.85 -21.11
C LEU A 577 -21.31 -21.41 -19.76
N VAL A 578 -22.02 -22.43 -19.30
CA VAL A 578 -21.80 -23.05 -18.00
C VAL A 578 -21.77 -24.55 -18.18
N GLU A 579 -20.69 -25.19 -17.70
CA GLU A 579 -20.65 -26.63 -17.62
C GLU A 579 -21.48 -27.08 -16.42
N ILE A 580 -22.36 -28.05 -16.63
CA ILE A 580 -23.34 -28.46 -15.63
C ILE A 580 -23.55 -29.97 -15.70
N TYR A 581 -23.76 -30.59 -14.54
CA TYR A 581 -24.05 -32.01 -14.47
C TYR A 581 -25.51 -32.25 -14.09
N VAL A 587 -26.70 -37.28 -20.03
CA VAL A 587 -25.88 -36.58 -21.00
C VAL A 587 -25.25 -35.33 -20.40
N ILE A 588 -24.01 -35.47 -19.94
CA ILE A 588 -23.28 -34.32 -19.41
C ILE A 588 -22.92 -33.39 -20.57
N ARG A 589 -23.42 -32.15 -20.50
CA ARG A 589 -23.26 -31.21 -21.60
C ARG A 589 -23.32 -29.80 -21.03
N PRO A 590 -22.75 -28.82 -21.74
CA PRO A 590 -22.84 -27.43 -21.29
C PRO A 590 -24.21 -26.81 -21.61
N LYS A 591 -24.50 -25.72 -20.90
CA LYS A 591 -25.73 -24.98 -21.08
C LYS A 591 -25.40 -23.52 -21.32
N LEU A 592 -26.26 -22.85 -22.08
CA LEU A 592 -26.08 -21.45 -22.45
C LEU A 592 -27.25 -20.63 -21.93
N PHE A 593 -26.94 -19.58 -21.18
CA PHE A 593 -27.94 -18.67 -20.64
C PHE A 593 -27.76 -17.28 -21.22
N ALA A 594 -28.87 -16.59 -21.42
CA ALA A 594 -28.88 -15.19 -21.82
C ALA A 594 -29.53 -14.40 -20.69
N VAL A 595 -28.82 -13.40 -20.17
CA VAL A 595 -29.28 -12.58 -19.06
C VAL A 595 -29.25 -11.13 -19.51
N LYS A 596 -30.40 -10.47 -19.44
CA LYS A 596 -30.44 -9.02 -19.64
C LYS A 596 -30.05 -8.32 -18.35
N ILE A 597 -29.28 -7.25 -18.48
CA ILE A 597 -28.89 -6.42 -17.33
C ILE A 597 -29.98 -5.36 -17.16
N PRO A 598 -30.69 -5.34 -16.04
CA PRO A 598 -31.83 -4.43 -15.89
C PRO A 598 -31.41 -2.99 -15.62
N ALA A 599 -32.31 -2.07 -15.95
CA ALA A 599 -32.07 -0.65 -15.74
C ALA A 599 -32.50 -0.20 -14.34
N GLN A 600 -33.61 -0.73 -13.84
CA GLN A 600 -34.11 -0.40 -12.51
C GLN A 600 -33.75 -1.51 -11.52
N CYS A 601 -33.83 -1.19 -10.24
CA CYS A 601 -33.44 -2.10 -9.17
C CYS A 601 -34.65 -2.75 -8.49
N SER A 602 -35.80 -2.78 -9.15
CA SER A 602 -37.01 -3.35 -8.60
C SER A 602 -37.78 -4.08 -9.69
N GLU A 603 -38.43 -5.18 -9.32
CA GLU A 603 -39.17 -5.99 -10.28
C GLU A 603 -40.64 -5.60 -10.30
N GLN B 1 0.22 -7.84 31.98
CA GLN B 1 1.51 -8.50 32.05
C GLN B 1 2.17 -8.61 30.68
N ILE B 2 1.46 -8.15 29.65
CA ILE B 2 2.00 -8.14 28.30
C ILE B 2 2.92 -6.93 28.16
N GLN B 3 4.19 -7.17 27.83
CA GLN B 3 5.15 -6.09 27.75
C GLN B 3 6.27 -6.44 26.78
N LEU B 4 6.72 -5.43 26.03
CA LEU B 4 7.88 -5.54 25.16
C LEU B 4 8.93 -4.55 25.63
N VAL B 5 10.16 -5.02 25.80
CA VAL B 5 11.26 -4.19 26.30
C VAL B 5 12.41 -4.25 25.31
N GLN B 6 12.87 -3.08 24.88
CA GLN B 6 13.94 -2.97 23.89
C GLN B 6 15.26 -2.66 24.56
N SER B 7 16.35 -2.83 23.81
CA SER B 7 17.68 -2.57 24.33
C SER B 7 17.89 -1.07 24.52
N GLY B 8 18.97 -0.73 25.23
CA GLY B 8 19.23 0.63 25.62
C GLY B 8 19.67 1.50 24.45
N PRO B 9 19.86 2.79 24.74
CA PRO B 9 20.27 3.72 23.68
C PRO B 9 21.65 3.38 23.15
N GLU B 10 21.86 3.71 21.87
CA GLU B 10 23.09 3.38 21.16
C GLU B 10 23.67 4.63 20.51
N LEU B 11 24.99 4.80 20.64
CA LEU B 11 25.72 5.91 20.04
C LEU B 11 26.84 5.32 19.18
N LYS B 12 26.74 5.51 17.86
CA LYS B 12 27.67 4.88 16.94
C LYS B 12 28.12 5.88 15.89
N LYS B 13 29.27 5.59 15.28
CA LYS B 13 29.86 6.37 14.21
C LYS B 13 29.44 5.82 12.86
N PRO B 14 29.53 6.62 11.79
CA PRO B 14 29.14 6.12 10.46
C PRO B 14 29.97 4.90 10.07
N GLY B 15 29.30 3.94 9.42
CA GLY B 15 29.94 2.72 8.98
C GLY B 15 29.87 1.57 9.96
N GLU B 16 29.64 1.85 11.24
CA GLU B 16 29.58 0.79 12.23
C GLU B 16 28.26 0.02 12.10
N THR B 17 28.09 -0.98 12.97
CA THR B 17 26.93 -1.84 13.00
C THR B 17 26.26 -1.77 14.36
N VAL B 18 24.93 -1.73 14.37
CA VAL B 18 24.17 -1.72 15.61
C VAL B 18 23.17 -2.86 15.57
N LYS B 19 22.89 -3.43 16.75
CA LYS B 19 21.90 -4.50 16.88
C LYS B 19 20.99 -4.18 18.05
N ILE B 20 19.75 -3.83 17.73
CA ILE B 20 18.72 -3.53 18.71
C ILE B 20 17.93 -4.79 19.00
N SER B 21 17.67 -5.04 20.27
CA SER B 21 16.88 -6.19 20.69
C SER B 21 15.51 -5.76 21.16
N CYS B 22 14.57 -6.70 21.13
CA CYS B 22 13.21 -6.48 21.60
C CYS B 22 12.71 -7.78 22.20
N THR B 23 12.67 -7.84 23.53
CA THR B 23 12.27 -9.04 24.26
C THR B 23 10.82 -8.87 24.74
N THR B 24 9.99 -9.85 24.45
CA THR B 24 8.58 -9.80 24.78
C THR B 24 8.27 -10.78 25.89
N SER B 25 7.22 -10.48 26.67
CA SER B 25 6.78 -11.36 27.73
C SER B 25 5.31 -11.11 28.01
N GLY B 26 4.65 -12.14 28.55
CA GLY B 26 3.25 -12.05 28.91
C GLY B 26 2.29 -12.67 27.93
N TYR B 27 2.78 -13.31 26.86
CA TYR B 27 1.91 -13.92 25.87
C TYR B 27 2.71 -14.97 25.10
N THR B 28 1.99 -15.78 24.34
CA THR B 28 2.63 -16.79 23.49
C THR B 28 3.37 -16.11 22.35
N PHE B 29 4.70 -16.27 22.32
CA PHE B 29 5.52 -15.52 21.39
C PHE B 29 5.14 -15.79 19.94
N THR B 30 4.87 -17.05 19.60
CA THR B 30 4.61 -17.43 18.21
C THR B 30 3.20 -17.08 17.74
N ASN B 31 2.31 -16.67 18.63
CA ASN B 31 0.93 -16.39 18.24
C ASN B 31 0.75 -15.01 17.63
N TYR B 32 1.72 -14.12 17.80
CA TYR B 32 1.67 -12.79 17.22
C TYR B 32 3.04 -12.47 16.63
N GLY B 33 3.07 -11.92 15.42
CA GLY B 33 4.30 -11.43 14.85
C GLY B 33 4.66 -10.06 15.42
N LEU B 34 5.77 -9.53 14.93
CA LEU B 34 6.27 -8.26 15.45
C LEU B 34 6.48 -7.28 14.30
N ASN B 35 6.37 -6.00 14.62
CA ASN B 35 6.59 -4.91 13.68
C ASN B 35 7.76 -4.07 14.16
N TRP B 36 8.67 -3.75 13.26
CA TRP B 36 9.72 -2.77 13.50
C TRP B 36 9.38 -1.49 12.75
N VAL B 37 9.35 -0.37 13.48
CA VAL B 37 8.96 0.94 13.00
C VAL B 37 10.05 1.94 13.37
N LYS B 38 10.18 2.99 12.57
CA LYS B 38 11.25 3.98 12.72
C LYS B 38 10.65 5.37 12.80
N GLN B 39 11.09 6.17 13.77
CA GLN B 39 10.65 7.55 13.92
C GLN B 39 11.86 8.46 13.92
N ALA B 40 11.93 9.33 12.92
CA ALA B 40 12.97 10.34 12.84
C ALA B 40 12.69 11.47 13.82
N PRO B 41 13.72 12.14 14.32
CA PRO B 41 13.51 13.16 15.37
C PRO B 41 12.62 14.30 14.87
N GLY B 42 11.62 14.62 15.68
CA GLY B 42 10.68 15.67 15.32
C GLY B 42 9.93 15.40 14.04
N LYS B 43 9.71 14.13 13.70
CA LYS B 43 9.05 13.78 12.46
C LYS B 43 8.04 12.65 12.68
N GLY B 44 7.77 11.87 11.63
CA GLY B 44 6.76 10.85 11.67
C GLY B 44 7.35 9.44 11.65
N PHE B 45 6.46 8.47 11.84
CA PHE B 45 6.86 7.07 11.87
C PHE B 45 6.97 6.52 10.46
N LYS B 46 7.92 5.61 10.28
CA LYS B 46 8.09 4.87 9.05
C LYS B 46 8.09 3.38 9.39
N TRP B 47 7.17 2.64 8.79
CA TRP B 47 7.14 1.20 8.98
C TRP B 47 8.33 0.55 8.28
N MET B 48 9.10 -0.24 9.02
CA MET B 48 10.28 -0.91 8.48
C MET B 48 9.96 -2.35 8.08
N ALA B 49 9.48 -3.16 9.03
CA ALA B 49 9.33 -4.57 8.72
C ALA B 49 8.30 -5.23 9.63
N TRP B 50 7.89 -6.43 9.23
CA TRP B 50 7.06 -7.31 10.03
C TRP B 50 7.68 -8.70 10.01
N ILE B 51 7.95 -9.25 11.18
CA ILE B 51 8.60 -10.55 11.32
C ILE B 51 7.58 -11.56 11.82
N ASN B 52 7.58 -12.74 11.18
CA ASN B 52 6.71 -13.86 11.52
C ASN B 52 7.41 -14.67 12.61
N THR B 53 6.97 -14.49 13.86
CA THR B 53 7.60 -15.18 14.99
C THR B 53 7.47 -16.69 14.91
N TYR B 54 6.60 -17.22 14.05
CA TYR B 54 6.44 -18.66 13.94
C TYR B 54 7.36 -19.26 12.89
N THR B 55 7.51 -18.61 11.73
CA THR B 55 8.42 -19.10 10.70
C THR B 55 9.79 -18.44 10.74
N GLY B 56 9.89 -17.24 11.31
CA GLY B 56 11.14 -16.49 11.31
C GLY B 56 11.36 -15.65 10.07
N GLU B 57 10.44 -15.66 9.12
CA GLU B 57 10.64 -14.94 7.86
C GLU B 57 10.14 -13.50 7.99
N PRO B 58 10.97 -12.52 7.65
CA PRO B 58 10.50 -11.13 7.69
C PRO B 58 9.99 -10.63 6.34
N THR B 59 9.08 -9.68 6.39
CA THR B 59 8.60 -8.92 5.23
C THR B 59 8.94 -7.47 5.49
N TYR B 60 9.85 -6.92 4.70
CA TYR B 60 10.39 -5.60 4.95
C TYR B 60 10.06 -4.66 3.80
N ALA B 61 10.06 -3.36 4.08
CA ALA B 61 9.90 -2.38 3.04
C ALA B 61 11.14 -2.37 2.14
N ASP B 62 10.97 -1.84 0.93
CA ASP B 62 12.06 -1.84 -0.03
C ASP B 62 13.24 -0.99 0.45
N ASP B 63 12.95 0.12 1.15
CA ASP B 63 14.01 1.02 1.61
C ASP B 63 14.93 0.37 2.62
N PHE B 64 14.53 -0.75 3.23
CA PHE B 64 15.31 -1.38 4.29
C PHE B 64 15.84 -2.74 3.87
N LYS B 65 16.12 -2.91 2.58
CA LYS B 65 16.82 -4.10 2.11
C LYS B 65 18.33 -3.91 2.26
N GLY B 66 19.05 -5.02 2.21
CA GLY B 66 20.50 -4.97 2.21
C GLY B 66 21.14 -4.90 3.59
N ARG B 67 21.52 -3.70 4.01
CA ARG B 67 22.23 -3.54 5.27
C ARG B 67 21.35 -3.70 6.49
N PHE B 68 20.05 -3.89 6.32
CA PHE B 68 19.14 -4.14 7.43
C PHE B 68 18.83 -5.63 7.52
N ALA B 69 18.83 -6.16 8.73
CA ALA B 69 18.57 -7.57 8.98
C ALA B 69 17.60 -7.72 10.14
N PHE B 70 16.53 -8.46 9.93
CA PHE B 70 15.50 -8.68 10.94
C PHE B 70 15.50 -10.16 11.29
N SER B 71 15.98 -10.48 12.48
CA SER B 71 16.09 -11.87 12.92
C SER B 71 15.33 -12.05 14.22
N LEU B 72 15.36 -13.27 14.75
CA LEU B 72 14.72 -13.52 16.03
C LEU B 72 15.36 -14.75 16.69
N GLU B 73 15.25 -14.81 18.00
CA GLU B 73 15.53 -16.00 18.80
C GLU B 73 14.27 -16.37 19.56
N THR B 74 13.70 -17.53 19.23
CA THR B 74 12.45 -17.94 19.84
C THR B 74 12.62 -18.33 21.30
N SER B 75 13.77 -18.92 21.65
CA SER B 75 14.00 -19.32 23.03
C SER B 75 13.95 -18.13 23.98
N ALA B 76 14.65 -17.04 23.62
CA ALA B 76 14.63 -15.83 24.42
C ALA B 76 13.41 -14.97 24.16
N SER B 77 12.54 -15.37 23.23
CA SER B 77 11.38 -14.57 22.84
C SER B 77 11.79 -13.16 22.43
N THR B 78 12.88 -13.07 21.67
CA THR B 78 13.44 -11.78 21.29
C THR B 78 13.48 -11.67 19.77
N THR B 79 13.26 -10.46 19.27
CA THR B 79 13.51 -10.14 17.88
C THR B 79 14.64 -9.12 17.81
N TYR B 80 15.44 -9.19 16.75
CA TYR B 80 16.61 -8.35 16.59
C TYR B 80 16.52 -7.57 15.28
N LEU B 81 16.85 -6.29 15.36
CA LEU B 81 17.00 -5.42 14.20
C LEU B 81 18.46 -4.98 14.13
N GLN B 82 19.17 -5.41 13.09
CA GLN B 82 20.58 -5.09 12.92
C GLN B 82 20.74 -4.18 11.72
N ILE B 83 21.44 -3.07 11.90
CA ILE B 83 21.75 -2.14 10.82
C ILE B 83 23.25 -2.14 10.63
N ASN B 84 23.68 -2.45 9.41
CA ASN B 84 25.09 -2.46 9.02
C ASN B 84 25.41 -1.22 8.19
N ASN B 85 26.68 -0.83 8.22
CA ASN B 85 27.18 0.34 7.49
C ASN B 85 26.31 1.56 7.80
N LEU B 86 26.23 1.89 9.08
CA LEU B 86 25.37 2.96 9.54
C LEU B 86 25.72 4.28 8.85
N LYS B 87 24.69 5.01 8.46
CA LYS B 87 24.81 6.35 7.93
C LYS B 87 23.92 7.29 8.73
N ASN B 88 24.09 8.59 8.50
CA ASN B 88 23.42 9.59 9.33
C ASN B 88 21.90 9.44 9.26
N GLU B 89 21.38 9.07 8.10
CA GLU B 89 19.93 8.92 7.93
C GLU B 89 19.36 7.76 8.73
N ASP B 90 20.20 7.01 9.45
CA ASP B 90 19.72 5.95 10.35
C ASP B 90 19.56 6.41 11.78
N MET B 91 20.07 7.59 12.13
CA MET B 91 19.85 8.14 13.46
C MET B 91 18.37 8.40 13.69
N SER B 92 17.76 7.67 14.62
CA SER B 92 16.33 7.76 14.85
C SER B 92 15.98 6.90 16.05
N THR B 93 14.69 6.87 16.40
CA THR B 93 14.20 6.02 17.47
C THR B 93 13.43 4.86 16.84
N TYR B 94 13.81 3.63 17.20
CA TYR B 94 13.24 2.43 16.61
C TYR B 94 12.34 1.74 17.63
N PHE B 95 11.13 1.39 17.20
CA PHE B 95 10.13 0.73 18.03
C PHE B 95 9.84 -0.66 17.51
N CYS B 96 9.59 -1.59 18.44
CA CYS B 96 8.95 -2.86 18.13
C CYS B 96 7.55 -2.85 18.71
N ALA B 97 6.60 -3.42 17.97
CA ALA B 97 5.22 -3.48 18.40
C ALA B 97 4.65 -4.84 18.05
N ARG B 98 3.69 -5.30 18.85
CA ARG B 98 3.05 -6.59 18.58
C ARG B 98 2.03 -6.42 17.46
N SER B 99 2.18 -7.19 16.38
CA SER B 99 1.23 -7.19 15.28
C SER B 99 0.82 -8.62 15.01
N GLY B 100 -0.48 -8.90 15.07
CA GLY B 100 -0.93 -10.26 14.94
C GLY B 100 -0.94 -10.76 13.50
N TYR B 101 -1.22 -12.06 13.37
CA TYR B 101 -1.46 -12.65 12.07
C TYR B 101 -2.89 -12.35 11.63
N TYR B 102 -3.26 -12.85 10.46
CA TYR B 102 -4.64 -12.70 9.99
C TYR B 102 -5.64 -13.43 10.86
N ASP B 103 -5.19 -14.40 11.67
CA ASP B 103 -6.09 -15.13 12.54
C ASP B 103 -6.70 -14.27 13.63
N GLY B 104 -6.16 -13.08 13.87
CA GLY B 104 -6.70 -12.21 14.91
C GLY B 104 -6.63 -10.73 14.59
N LEU B 105 -5.83 -9.99 15.35
CA LEU B 105 -5.73 -8.54 15.24
C LEU B 105 -4.29 -8.18 14.86
N LYS B 106 -4.11 -7.68 13.64
CA LYS B 106 -2.79 -7.29 13.18
C LYS B 106 -2.43 -5.86 13.57
N ALA B 107 -3.32 -5.14 14.24
CA ALA B 107 -3.01 -3.80 14.69
C ALA B 107 -2.00 -3.84 15.83
N MET B 108 -1.16 -2.80 15.89
CA MET B 108 -0.07 -2.73 16.86
C MET B 108 -0.64 -2.31 18.21
N ASP B 109 -0.96 -3.30 19.04
CA ASP B 109 -1.62 -3.06 20.32
C ASP B 109 -0.65 -2.75 21.45
N TYR B 110 0.46 -3.50 21.54
CA TYR B 110 1.46 -3.30 22.58
C TYR B 110 2.78 -2.90 21.94
N TRP B 111 3.40 -1.84 22.44
CA TRP B 111 4.62 -1.28 21.89
C TRP B 111 5.78 -1.45 22.87
N GLY B 112 6.99 -1.47 22.31
CA GLY B 112 8.17 -1.33 23.13
C GLY B 112 8.40 0.12 23.51
N GLN B 113 9.34 0.32 24.43
CA GLN B 113 9.62 1.68 24.89
C GLN B 113 10.44 2.48 23.89
N GLY B 114 11.02 1.83 22.89
CA GLY B 114 11.83 2.51 21.89
C GLY B 114 13.31 2.44 22.21
N THR B 115 14.12 2.51 21.16
CA THR B 115 15.57 2.53 21.27
C THR B 115 16.13 3.63 20.39
N SER B 116 16.82 4.59 20.99
CA SER B 116 17.43 5.66 20.23
C SER B 116 18.77 5.21 19.67
N VAL B 117 19.03 5.57 18.41
CA VAL B 117 20.30 5.29 17.76
C VAL B 117 20.80 6.62 17.22
N THR B 118 21.90 7.11 17.78
CA THR B 118 22.54 8.34 17.35
C THR B 118 23.75 7.99 16.47
N VAL B 119 23.84 8.64 15.32
CA VAL B 119 24.91 8.39 14.36
C VAL B 119 25.61 9.72 14.11
N SER B 120 26.91 9.77 14.41
CA SER B 120 27.70 10.97 14.26
C SER B 120 29.17 10.61 14.36
N SER B 121 30.00 11.42 13.71
CA SER B 121 31.45 11.30 13.86
C SER B 121 31.99 12.25 14.93
N ALA B 122 31.13 13.04 15.55
CA ALA B 122 31.56 13.92 16.63
C ALA B 122 32.12 13.09 17.79
N LYS B 123 33.01 13.72 18.56
CA LYS B 123 33.55 13.10 19.75
C LYS B 123 32.97 13.78 20.97
N THR B 124 33.07 13.09 22.11
CA THR B 124 32.47 13.58 23.35
C THR B 124 33.17 14.86 23.77
N THR B 125 32.44 15.98 23.70
CA THR B 125 32.96 17.25 24.18
C THR B 125 32.03 17.82 25.24
N PRO B 126 32.58 18.34 26.34
CA PRO B 126 31.74 18.95 27.38
C PRO B 126 31.17 20.26 26.90
N PRO B 127 30.13 20.76 27.55
CA PRO B 127 29.60 22.07 27.20
C PRO B 127 30.46 23.20 27.75
N SER B 128 30.50 24.30 27.01
CA SER B 128 30.99 25.58 27.50
C SER B 128 29.80 26.40 27.94
N VAL B 129 29.80 26.85 29.19
CA VAL B 129 28.65 27.51 29.80
C VAL B 129 28.99 28.98 30.00
N TYR B 130 28.17 29.85 29.43
CA TYR B 130 28.34 31.29 29.51
C TYR B 130 27.12 31.94 30.17
N PRO B 131 27.34 32.90 31.07
CA PRO B 131 26.21 33.59 31.67
C PRO B 131 25.59 34.58 30.69
N LEU B 132 24.30 34.84 30.87
CA LEU B 132 23.56 35.80 30.05
C LEU B 132 22.87 36.75 31.01
N ALA B 133 23.53 37.86 31.30
CA ALA B 133 23.02 38.94 32.12
C ALA B 133 22.56 40.10 31.24
N PRO B 134 21.51 40.81 31.64
CA PRO B 134 21.04 41.94 30.83
C PRO B 134 22.07 43.05 30.79
N GLY B 135 22.11 43.75 29.66
CA GLY B 135 23.04 44.85 29.48
C GLY B 135 22.37 46.12 29.00
N ASN B 141 12.24 46.62 34.63
CA ASN B 141 10.82 46.36 34.82
C ASN B 141 10.57 45.76 36.21
N SER B 142 9.42 45.11 36.37
CA SER B 142 9.12 44.48 37.65
C SER B 142 9.86 43.16 37.83
N MET B 143 10.19 42.49 36.73
CA MET B 143 10.94 41.25 36.76
C MET B 143 12.07 41.32 35.75
N VAL B 144 13.07 40.45 35.94
CA VAL B 144 14.24 40.38 35.09
C VAL B 144 14.38 38.96 34.57
N THR B 145 15.04 38.84 33.42
CA THR B 145 15.30 37.55 32.78
C THR B 145 16.80 37.36 32.69
N LEU B 146 17.26 36.19 33.15
CA LEU B 146 18.65 35.79 33.06
C LEU B 146 18.73 34.53 32.20
N GLY B 147 19.94 34.19 31.77
CA GLY B 147 20.09 33.03 30.91
C GLY B 147 21.41 32.32 31.11
N CYS B 148 21.44 31.08 30.63
CA CYS B 148 22.66 30.29 30.54
C CYS B 148 22.78 29.78 29.11
N LEU B 149 23.88 30.13 28.44
CA LEU B 149 24.17 29.65 27.10
C LEU B 149 25.13 28.46 27.20
N VAL B 150 24.77 27.37 26.54
CA VAL B 150 25.48 26.10 26.64
C VAL B 150 25.89 25.73 25.22
N LYS B 151 27.17 25.83 24.92
CA LYS B 151 27.66 25.74 23.55
C LYS B 151 28.65 24.60 23.39
N GLY B 152 28.63 23.97 22.21
CA GLY B 152 29.69 23.08 21.80
C GLY B 152 29.84 21.81 22.61
N TYR B 153 28.76 21.04 22.74
CA TYR B 153 28.82 19.78 23.47
C TYR B 153 28.26 18.66 22.60
N PHE B 154 28.67 17.43 22.94
CA PHE B 154 28.19 16.24 22.27
C PHE B 154 28.48 15.05 23.16
N PRO B 155 27.56 14.08 23.27
CA PRO B 155 26.24 14.02 22.65
C PRO B 155 25.15 14.62 23.52
N GLU B 156 23.91 14.51 23.07
CA GLU B 156 22.78 14.85 23.90
C GLU B 156 22.62 13.83 25.01
N PRO B 157 21.96 14.20 26.11
CA PRO B 157 21.43 15.53 26.43
C PRO B 157 22.25 16.27 27.46
N VAL B 158 21.86 17.51 27.74
CA VAL B 158 22.32 18.25 28.91
C VAL B 158 21.10 18.58 29.75
N THR B 159 21.30 18.64 31.06
CA THR B 159 20.26 19.10 31.98
C THR B 159 20.66 20.45 32.54
N VAL B 160 19.66 21.30 32.76
CA VAL B 160 19.88 22.65 33.28
C VAL B 160 18.90 22.91 34.41
N THR B 161 19.44 23.35 35.55
CA THR B 161 18.62 23.81 36.66
C THR B 161 19.10 25.20 37.08
N TRP B 162 18.30 25.84 37.92
CA TRP B 162 18.63 27.17 38.42
C TRP B 162 18.51 27.16 39.94
N ASN B 163 19.61 27.52 40.62
CA ASN B 163 19.70 27.43 42.08
C ASN B 163 19.33 26.02 42.55
N SER B 164 19.82 25.01 41.82
CA SER B 164 19.59 23.61 42.15
C SER B 164 18.10 23.28 42.17
N GLY B 165 17.42 23.59 41.07
CA GLY B 165 16.00 23.31 40.94
C GLY B 165 15.09 24.21 41.76
N SER B 166 15.65 25.14 42.55
CA SER B 166 14.83 25.98 43.41
C SER B 166 13.87 26.85 42.61
N LEU B 167 14.29 27.30 41.43
CA LEU B 167 13.48 28.18 40.59
C LEU B 167 12.79 27.43 39.47
N SER B 168 12.19 26.27 39.77
CA SER B 168 11.54 25.45 38.75
C SER B 168 10.57 26.29 37.92
N SER B 169 9.75 27.09 38.58
CA SER B 169 8.82 27.97 37.86
C SER B 169 9.58 29.06 37.12
N GLY B 170 8.99 29.52 36.02
CA GLY B 170 9.57 30.59 35.22
C GLY B 170 10.87 30.24 34.53
N VAL B 171 11.05 28.98 34.14
CA VAL B 171 12.27 28.54 33.48
C VAL B 171 11.91 27.92 32.13
N HIS B 172 12.66 28.28 31.10
CA HIS B 172 12.47 27.77 29.75
C HIS B 172 13.81 27.28 29.23
N THR B 173 13.97 25.96 29.13
CA THR B 173 15.15 25.38 28.50
C THR B 173 14.78 24.95 27.08
N PHE B 174 15.49 25.48 26.10
CA PHE B 174 15.14 25.28 24.70
C PHE B 174 15.85 24.06 24.12
N PRO B 175 15.22 23.40 23.14
CA PRO B 175 15.86 22.23 22.53
C PRO B 175 17.17 22.60 21.85
N ALA B 176 18.11 21.67 21.89
CA ALA B 176 19.43 21.90 21.32
C ALA B 176 19.40 21.78 19.81
N VAL B 177 20.13 22.66 19.13
CA VAL B 177 20.34 22.59 17.70
C VAL B 177 21.82 22.39 17.46
N LEU B 178 22.16 22.07 16.22
CA LEU B 178 23.55 21.85 15.84
C LEU B 178 24.17 23.13 15.30
N GLN B 179 25.43 23.37 15.67
CA GLN B 179 26.26 24.38 15.04
C GLN B 179 27.31 23.78 14.12
N SER B 180 27.57 22.48 14.27
CA SER B 180 28.51 21.73 13.44
C SER B 180 28.25 20.26 13.72
N ASP B 181 29.28 19.55 14.21
CA ASP B 181 29.04 18.26 14.81
C ASP B 181 28.50 18.35 16.23
N LEU B 182 28.46 19.56 16.80
CA LEU B 182 28.21 19.75 18.23
C LEU B 182 26.92 20.53 18.45
N TYR B 183 26.38 20.40 19.66
CA TYR B 183 25.09 20.94 20.03
C TYR B 183 25.23 22.20 20.86
N THR B 184 24.14 22.99 20.88
CA THR B 184 24.08 24.20 21.67
C THR B 184 22.63 24.49 22.01
N LEU B 185 22.42 25.07 23.20
CA LEU B 185 21.10 25.49 23.62
C LEU B 185 21.23 26.58 24.68
N SER B 186 20.14 27.32 24.87
CA SER B 186 20.07 28.30 25.94
C SER B 186 18.98 27.92 26.93
N SER B 187 19.07 28.51 28.11
CA SER B 187 18.05 28.34 29.15
C SER B 187 17.76 29.70 29.76
N SER B 188 16.48 30.01 29.93
CA SER B 188 16.03 31.26 30.51
C SER B 188 15.45 31.01 31.90
N VAL B 189 15.75 31.94 32.82
CA VAL B 189 15.06 32.02 34.10
C VAL B 189 14.52 33.44 34.23
N THR B 190 13.36 33.58 34.85
CA THR B 190 12.75 34.88 35.09
C THR B 190 12.45 35.01 36.58
N VAL B 191 12.93 36.10 37.19
CA VAL B 191 12.83 36.28 38.63
C VAL B 191 12.48 37.73 38.93
N PRO B 192 11.83 37.97 40.08
CA PRO B 192 11.50 39.35 40.43
C PRO B 192 12.74 40.24 40.50
N SER B 193 12.56 41.51 40.13
CA SER B 193 13.66 42.47 40.16
C SER B 193 14.25 42.62 41.55
N SER B 194 13.45 42.37 42.60
CA SER B 194 13.98 42.38 43.95
C SER B 194 14.87 41.19 44.25
N THR B 195 14.69 40.09 43.51
CA THR B 195 15.48 38.88 43.76
C THR B 195 16.90 39.01 43.22
N TRP B 196 17.06 39.61 42.04
CA TRP B 196 18.35 39.69 41.38
C TRP B 196 18.67 41.13 41.01
N PRO B 197 19.92 41.57 41.18
CA PRO B 197 21.08 40.81 41.70
C PRO B 197 21.21 40.84 43.23
N SER B 198 20.11 41.05 43.96
CA SER B 198 20.20 41.05 45.42
C SER B 198 20.67 39.71 45.94
N GLU B 199 20.07 38.63 45.46
CA GLU B 199 20.50 37.28 45.76
C GLU B 199 21.24 36.69 44.56
N THR B 200 21.94 35.58 44.81
CA THR B 200 22.83 34.99 43.81
C THR B 200 22.07 33.93 43.02
N VAL B 201 21.84 34.21 41.75
CA VAL B 201 21.17 33.29 40.84
C VAL B 201 22.24 32.54 40.05
N THR B 202 22.37 31.24 40.30
CA THR B 202 23.37 30.41 39.67
C THR B 202 22.69 29.30 38.88
N CYS B 203 23.22 29.03 37.69
CA CYS B 203 22.70 28.00 36.79
C CYS B 203 23.62 26.78 36.81
N ASN B 204 23.00 25.61 36.86
CA ASN B 204 23.70 24.32 36.96
C ASN B 204 23.46 23.53 35.68
N VAL B 205 24.53 23.29 34.94
CA VAL B 205 24.50 22.47 33.74
C VAL B 205 25.15 21.13 34.04
N ALA B 206 24.53 20.05 33.59
CA ALA B 206 25.08 18.71 33.75
C ALA B 206 25.08 18.01 32.41
N HIS B 207 26.24 17.46 32.03
CA HIS B 207 26.40 16.69 30.80
C HIS B 207 26.85 15.28 31.20
N PRO B 208 25.91 14.34 31.37
CA PRO B 208 26.29 13.01 31.86
C PRO B 208 27.22 12.24 30.94
N ALA B 209 27.10 12.41 29.62
CA ALA B 209 27.92 11.62 28.70
C ALA B 209 29.41 11.92 28.90
N SER B 210 29.78 13.18 29.05
CA SER B 210 31.13 13.54 29.44
C SER B 210 31.30 13.61 30.95
N SER B 211 30.24 13.31 31.70
CA SER B 211 30.24 13.34 33.17
C SER B 211 30.78 14.67 33.69
N THR B 212 30.21 15.75 33.18
CA THR B 212 30.65 17.11 33.50
C THR B 212 29.54 17.83 34.27
N LYS B 213 29.93 18.66 35.23
CA LYS B 213 29.02 19.55 35.93
C LYS B 213 29.62 20.95 35.92
N VAL B 214 28.82 21.93 35.54
CA VAL B 214 29.24 23.32 35.48
C VAL B 214 28.24 24.16 36.26
N ASP B 215 28.75 25.13 37.02
CA ASP B 215 27.92 26.08 37.73
C ASP B 215 28.37 27.48 37.35
N LYS B 216 27.43 28.32 36.92
CA LYS B 216 27.72 29.69 36.53
C LYS B 216 26.82 30.64 37.30
N LYS B 217 27.42 31.50 38.11
CA LYS B 217 26.68 32.59 38.74
C LYS B 217 26.46 33.70 37.72
N ILE B 218 25.27 34.27 37.73
CA ILE B 218 24.91 35.36 36.82
C ILE B 218 25.18 36.66 37.56
N VAL B 219 26.36 37.25 37.33
CA VAL B 219 26.71 38.52 37.95
C VAL B 219 26.31 39.65 37.00
N PRO B 220 25.99 40.83 37.49
CA PRO B 220 25.59 41.93 36.61
C PRO B 220 26.79 42.52 35.88
N ARG B 221 26.49 43.12 34.73
CA ARG B 221 27.52 43.85 34.00
C ARG B 221 27.83 45.17 34.71
N ASP B 222 28.92 45.80 34.29
CA ASP B 222 29.36 47.03 34.94
C ASP B 222 28.31 48.14 34.82
N CYS B 223 27.75 48.30 33.62
CA CYS B 223 26.72 49.31 33.39
C CYS B 223 26.00 49.06 32.07
N ASP C 1 3.30 5.16 -4.42
CA ASP C 1 3.24 4.71 -3.04
C ASP C 1 1.92 5.14 -2.41
N VAL C 2 1.38 4.33 -1.50
CA VAL C 2 0.14 4.69 -0.82
C VAL C 2 0.43 5.82 0.16
N LEU C 3 -0.26 6.94 -0.02
CA LEU C 3 -0.02 8.15 0.75
C LEU C 3 -1.17 8.42 1.71
N MET C 4 -0.83 8.79 2.94
CA MET C 4 -1.80 9.13 3.98
C MET C 4 -1.68 10.63 4.25
N ILE C 5 -2.72 11.38 3.90
CA ILE C 5 -2.76 12.83 4.09
C ILE C 5 -3.64 13.11 5.30
N GLN C 6 -3.04 13.72 6.32
CA GLN C 6 -3.77 14.11 7.53
C GLN C 6 -4.07 15.60 7.51
N THR C 7 -5.27 15.96 7.97
CA THR C 7 -5.67 17.34 8.11
C THR C 7 -6.32 17.52 9.47
N PRO C 8 -5.91 18.52 10.26
CA PRO C 8 -4.81 19.46 10.01
C PRO C 8 -3.54 18.99 10.72
N LEU C 9 -2.37 19.58 10.44
CA LEU C 9 -1.17 19.18 11.15
C LEU C 9 -1.21 19.60 12.61
N SER C 10 -1.85 20.73 12.90
CA SER C 10 -2.00 21.23 14.26
C SER C 10 -3.47 21.58 14.48
N LEU C 11 -4.02 21.12 15.60
CA LEU C 11 -5.45 21.31 15.90
C LEU C 11 -5.60 21.94 17.27
N PRO C 12 -5.56 23.28 17.36
CA PRO C 12 -5.81 23.95 18.64
C PRO C 12 -7.28 23.84 19.01
N VAL C 13 -7.54 23.28 20.19
CA VAL C 13 -8.90 23.12 20.69
C VAL C 13 -8.96 23.56 22.15
N SER C 14 -10.11 24.09 22.55
CA SER C 14 -10.37 24.36 23.96
C SER C 14 -10.80 23.08 24.64
N LEU C 15 -10.53 23.00 25.95
CA LEU C 15 -10.87 21.81 26.71
C LEU C 15 -12.39 21.60 26.72
N GLY C 16 -12.80 20.35 26.54
CA GLY C 16 -14.20 20.01 26.51
C GLY C 16 -14.88 20.22 25.17
N ASP C 17 -14.12 20.47 24.11
CA ASP C 17 -14.67 20.69 22.79
C ASP C 17 -14.62 19.40 21.98
N GLN C 18 -15.11 19.48 20.74
CA GLN C 18 -15.06 18.38 19.80
C GLN C 18 -13.92 18.59 18.82
N ALA C 19 -13.18 17.53 18.55
CA ALA C 19 -12.06 17.55 17.63
C ALA C 19 -12.29 16.54 16.51
N SER C 20 -11.93 16.92 15.28
CA SER C 20 -12.08 16.06 14.12
C SER C 20 -10.78 16.08 13.33
N ILE C 21 -10.22 14.89 13.10
CA ILE C 21 -8.99 14.74 12.32
C ILE C 21 -9.33 13.89 11.09
N SER C 22 -8.96 14.39 9.91
CA SER C 22 -9.26 13.72 8.65
C SER C 22 -8.01 13.05 8.11
N CYS C 23 -8.19 11.84 7.56
CA CYS C 23 -7.11 11.07 6.96
C CYS C 23 -7.60 10.53 5.62
N ARG C 24 -6.90 10.88 4.54
CA ARG C 24 -7.29 10.44 3.21
C ARG C 24 -6.13 9.68 2.56
N SER C 25 -6.46 8.58 1.88
CA SER C 25 -5.48 7.71 1.28
C SER C 25 -5.44 7.90 -0.22
N SER C 26 -4.27 7.64 -0.82
CA SER C 26 -4.12 7.74 -2.26
C SER C 26 -4.83 6.60 -2.99
N GLN C 27 -5.05 5.48 -2.30
CA GLN C 27 -5.77 4.36 -2.88
C GLN C 27 -6.70 3.78 -1.82
N SER C 28 -7.69 3.02 -2.29
CA SER C 28 -8.63 2.39 -1.37
C SER C 28 -7.89 1.47 -0.40
N LEU C 29 -8.24 1.56 0.87
CA LEU C 29 -7.61 0.75 1.90
C LEU C 29 -8.37 -0.54 2.17
N ILE C 30 -9.39 -0.85 1.36
CA ILE C 30 -10.15 -2.09 1.50
C ILE C 30 -9.30 -3.23 0.93
N HIS C 31 -8.75 -4.06 1.82
CA HIS C 31 -8.01 -5.23 1.41
C HIS C 31 -8.91 -6.18 0.65
N ILE C 32 -8.30 -7.12 -0.08
CA ILE C 32 -9.05 -8.02 -0.95
C ILE C 32 -9.72 -9.10 -0.09
N ASN C 33 -9.55 -9.03 1.22
CA ASN C 33 -10.28 -9.91 2.12
C ASN C 33 -11.48 -9.24 2.77
N GLY C 34 -11.79 -8.00 2.39
CA GLY C 34 -12.92 -7.29 2.89
C GLY C 34 -12.63 -6.33 4.03
N ASN C 35 -11.48 -6.45 4.67
CA ASN C 35 -11.15 -5.61 5.81
C ASN C 35 -10.42 -4.35 5.35
N THR C 36 -10.65 -3.26 6.09
CA THR C 36 -9.96 -1.99 5.87
C THR C 36 -9.06 -1.75 7.08
N TYR C 37 -7.77 -1.99 6.90
CA TYR C 37 -6.81 -1.94 8.00
C TYR C 37 -6.31 -0.51 8.20
N LEU C 38 -7.23 0.35 8.60
CA LEU C 38 -6.90 1.73 8.96
C LEU C 38 -6.98 1.87 10.48
N GLU C 39 -5.87 2.28 11.08
CA GLU C 39 -5.72 2.37 12.52
C GLU C 39 -5.31 3.78 12.92
N TRP C 40 -5.80 4.21 14.08
CA TRP C 40 -5.46 5.49 14.67
C TRP C 40 -4.67 5.25 15.96
N TYR C 41 -3.50 5.88 16.05
CA TYR C 41 -2.61 5.81 17.20
C TYR C 41 -2.41 7.20 17.78
N LEU C 42 -2.12 7.24 19.09
CA LEU C 42 -1.80 8.48 19.78
C LEU C 42 -0.44 8.35 20.44
N GLN C 43 0.36 9.41 20.35
CA GLN C 43 1.67 9.47 20.98
C GLN C 43 1.75 10.75 21.82
N LYS C 44 2.03 10.59 23.10
CA LYS C 44 2.31 11.65 24.03
C LYS C 44 3.81 11.88 24.11
N PRO C 45 4.25 13.11 24.43
CA PRO C 45 5.68 13.38 24.51
C PRO C 45 6.37 12.47 25.51
N GLY C 46 7.48 11.89 25.09
CA GLY C 46 8.20 10.95 25.95
C GLY C 46 7.41 9.68 26.24
N GLN C 47 6.76 9.13 25.22
CA GLN C 47 5.97 7.91 25.38
C GLN C 47 5.91 7.19 24.05
N SER C 48 5.84 5.86 24.12
CA SER C 48 5.59 5.08 22.92
C SER C 48 4.13 5.22 22.50
N PRO C 49 3.84 5.13 21.21
CA PRO C 49 2.46 5.30 20.74
C PRO C 49 1.52 4.29 21.37
N LYS C 50 0.24 4.65 21.40
CA LYS C 50 -0.81 3.80 21.97
C LYS C 50 -1.89 3.62 20.92
N LEU C 51 -2.29 2.36 20.71
CA LEU C 51 -3.36 2.07 19.77
C LEU C 51 -4.69 2.61 20.29
N LEU C 52 -5.32 3.49 19.52
CA LEU C 52 -6.63 4.01 19.85
C LEU C 52 -7.73 3.24 19.12
N ILE C 53 -7.65 3.17 17.79
CA ILE C 53 -8.72 2.60 16.99
C ILE C 53 -8.12 1.68 15.93
N TYR C 54 -8.75 0.52 15.73
CA TYR C 54 -8.34 -0.42 14.70
C TYR C 54 -9.53 -0.74 13.81
N LYS C 55 -9.23 -1.03 12.54
CA LYS C 55 -10.25 -1.33 11.52
C LYS C 55 -11.29 -0.21 11.46
N VAL C 56 -10.79 1.02 11.23
CA VAL C 56 -11.60 2.20 10.95
C VAL C 56 -12.35 2.69 12.19
N SER C 57 -13.13 1.81 12.82
CA SER C 57 -14.08 2.25 13.84
C SER C 57 -14.03 1.49 15.16
N ASN C 58 -13.32 0.36 15.24
CA ASN C 58 -13.30 -0.42 16.47
C ASN C 58 -12.32 0.17 17.46
N ARG C 59 -12.73 0.21 18.73
CA ARG C 59 -11.92 0.81 19.79
C ARG C 59 -11.13 -0.27 20.52
N PHE C 60 -9.84 -0.01 20.70
CA PHE C 60 -8.99 -0.93 21.44
C PHE C 60 -9.34 -0.89 22.93
N SER C 61 -8.87 -1.90 23.66
CA SER C 61 -9.16 -2.01 25.07
C SER C 61 -8.69 -0.78 25.84
N GLY C 62 -9.57 -0.24 26.67
CA GLY C 62 -9.23 0.90 27.51
C GLY C 62 -9.40 2.26 26.87
N VAL C 63 -9.77 2.32 25.60
CA VAL C 63 -9.96 3.61 24.94
C VAL C 63 -11.30 4.19 25.35
N PRO C 64 -11.36 5.44 25.81
CA PRO C 64 -12.65 6.02 26.20
C PRO C 64 -13.60 6.12 25.02
N ASP C 65 -14.90 6.09 25.34
CA ASP C 65 -15.93 6.17 24.32
C ASP C 65 -15.98 7.52 23.61
N ARG C 66 -15.32 8.55 24.15
CA ARG C 66 -15.28 9.84 23.48
C ARG C 66 -14.50 9.78 22.17
N PHE C 67 -13.67 8.77 21.98
CA PHE C 67 -12.98 8.54 20.72
C PHE C 67 -13.86 7.68 19.81
N SER C 68 -14.02 8.10 18.56
CA SER C 68 -14.75 7.31 17.58
C SER C 68 -14.08 7.47 16.22
N GLY C 69 -14.27 6.48 15.37
CA GLY C 69 -13.71 6.50 14.04
C GLY C 69 -14.76 6.15 13.00
N SER C 70 -14.63 6.77 11.84
CA SER C 70 -15.55 6.52 10.75
C SER C 70 -14.83 6.72 9.43
N GLY C 71 -15.52 6.38 8.34
CA GLY C 71 -15.00 6.54 7.00
C GLY C 71 -15.05 5.23 6.22
N SER C 72 -14.58 5.32 4.99
CA SER C 72 -14.53 4.16 4.10
C SER C 72 -13.64 4.47 2.91
N GLY C 73 -13.16 3.41 2.27
CA GLY C 73 -12.39 3.52 1.04
C GLY C 73 -11.15 4.38 1.16
N THR C 74 -11.31 5.68 0.94
CA THR C 74 -10.18 6.59 0.94
C THR C 74 -10.36 7.78 1.87
N ASP C 75 -11.47 7.88 2.59
CA ASP C 75 -11.74 9.03 3.44
C ASP C 75 -12.10 8.54 4.83
N PHE C 76 -11.39 9.03 5.85
CA PHE C 76 -11.59 8.58 7.21
C PHE C 76 -11.51 9.75 8.17
N THR C 77 -12.18 9.62 9.31
CA THR C 77 -12.26 10.68 10.30
C THR C 77 -12.19 10.08 11.70
N LEU C 78 -11.28 10.62 12.52
CA LEU C 78 -11.26 10.38 13.95
C LEU C 78 -11.93 11.55 14.64
N LYS C 79 -12.74 11.25 15.66
CA LYS C 79 -13.57 12.25 16.32
C LYS C 79 -13.47 12.08 17.82
N ILE C 80 -13.20 13.18 18.52
CA ILE C 80 -13.24 13.23 19.98
C ILE C 80 -14.39 14.15 20.38
N SER C 81 -15.36 13.60 21.10
CA SER C 81 -16.57 14.36 21.42
C SER C 81 -16.28 15.48 22.41
N ARG C 82 -15.58 15.17 23.50
CA ARG C 82 -15.28 16.15 24.55
C ARG C 82 -13.84 15.93 24.98
N VAL C 83 -12.95 16.83 24.59
CA VAL C 83 -11.51 16.63 24.76
C VAL C 83 -11.13 16.90 26.21
N GLU C 84 -10.66 15.87 26.91
CA GLU C 84 -10.02 16.05 28.20
C GLU C 84 -8.54 16.30 28.01
N ALA C 85 -7.89 16.80 29.06
CA ALA C 85 -6.48 17.16 28.96
C ALA C 85 -5.61 15.96 28.62
N GLU C 86 -6.02 14.77 29.04
CA GLU C 86 -5.24 13.56 28.74
C GLU C 86 -5.20 13.23 27.27
N ASP C 87 -6.02 13.88 26.44
CA ASP C 87 -6.04 13.62 25.01
C ASP C 87 -5.06 14.48 24.23
N LEU C 88 -4.45 15.48 24.86
CA LEU C 88 -3.46 16.31 24.19
C LEU C 88 -2.27 15.46 23.77
N GLY C 89 -1.86 15.58 22.51
CA GLY C 89 -0.82 14.70 22.00
C GLY C 89 -0.73 14.79 20.49
N VAL C 90 -0.18 13.74 19.87
CA VAL C 90 -0.02 13.69 18.42
C VAL C 90 -0.71 12.44 17.91
N TYR C 91 -1.66 12.61 17.00
CA TYR C 91 -2.46 11.51 16.47
C TYR C 91 -1.97 11.16 15.07
N TYR C 92 -1.74 9.87 14.83
CA TYR C 92 -1.29 9.37 13.54
C TYR C 92 -2.31 8.38 13.00
N CYS C 93 -2.67 8.52 11.73
CA CYS C 93 -3.37 7.45 11.07
C CYS C 93 -2.36 6.54 10.38
N PHE C 94 -2.77 5.30 10.12
CA PHE C 94 -1.88 4.26 9.64
C PHE C 94 -2.71 3.28 8.82
N GLN C 95 -2.15 2.82 7.71
CA GLN C 95 -2.83 1.84 6.88
C GLN C 95 -2.00 0.56 6.82
N GLY C 96 -2.68 -0.57 6.98
CA GLY C 96 -2.03 -1.87 6.92
C GLY C 96 -2.62 -2.72 5.81
N SER C 97 -3.09 -2.08 4.75
CA SER C 97 -3.71 -2.79 3.63
C SER C 97 -2.77 -3.00 2.46
N HIS C 98 -1.75 -2.16 2.31
CA HIS C 98 -0.82 -2.29 1.19
C HIS C 98 0.61 -2.12 1.71
N VAL C 99 1.49 -3.00 1.27
CA VAL C 99 2.91 -2.96 1.63
C VAL C 99 3.60 -2.02 0.64
N PRO C 100 4.43 -1.07 1.10
CA PRO C 100 4.80 -0.78 2.50
C PRO C 100 3.71 -0.06 3.27
N PHE C 101 3.52 -0.42 4.54
CA PHE C 101 2.53 0.25 5.38
C PHE C 101 2.99 1.67 5.68
N THR C 102 2.04 2.61 5.68
CA THR C 102 2.36 4.03 5.74
C THR C 102 1.60 4.70 6.87
N PHE C 103 2.20 5.77 7.39
CA PHE C 103 1.61 6.63 8.41
C PHE C 103 1.24 7.97 7.81
N GLY C 104 0.38 8.70 8.52
CA GLY C 104 0.19 10.11 8.23
C GLY C 104 1.28 10.95 8.86
N ALA C 105 1.34 12.21 8.45
CA ALA C 105 2.33 13.12 9.03
C ALA C 105 2.08 13.34 10.51
N GLY C 106 0.83 13.23 10.94
CA GLY C 106 0.46 13.45 12.32
C GLY C 106 -0.33 14.73 12.50
N THR C 107 -1.09 14.78 13.59
CA THR C 107 -1.89 15.92 13.95
C THR C 107 -1.67 16.23 15.42
N LYS C 108 -1.20 17.44 15.72
CA LYS C 108 -0.88 17.82 17.10
C LYS C 108 -2.13 18.44 17.72
N LEU C 109 -2.80 17.66 18.57
CA LEU C 109 -3.91 18.16 19.40
C LEU C 109 -3.31 18.90 20.60
N GLU C 110 -3.48 20.21 20.60
CA GLU C 110 -2.93 21.10 21.62
C GLU C 110 -4.04 22.00 22.16
N LEU C 111 -3.73 22.71 23.24
CA LEU C 111 -4.73 23.47 23.99
C LEU C 111 -4.77 24.91 23.51
N LYS C 112 -5.99 25.40 23.26
CA LYS C 112 -6.22 26.78 22.85
C LYS C 112 -6.32 27.68 24.07
N ARG C 113 -5.79 28.90 23.96
CA ARG C 113 -5.79 29.84 25.06
C ARG C 113 -5.74 31.26 24.50
N ALA C 114 -5.77 32.23 25.40
CA ALA C 114 -5.80 33.64 25.00
C ALA C 114 -4.47 34.06 24.41
N ASP C 115 -4.54 34.93 23.41
CA ASP C 115 -3.32 35.41 22.76
C ASP C 115 -2.47 36.18 23.76
N ALA C 116 -1.15 36.06 23.61
CA ALA C 116 -0.21 36.70 24.51
C ALA C 116 1.00 37.18 23.72
N ALA C 117 1.40 38.42 23.96
CA ALA C 117 2.57 38.97 23.29
C ALA C 117 3.84 38.43 23.94
N PRO C 118 4.90 38.24 23.16
CA PRO C 118 6.14 37.68 23.71
C PRO C 118 6.87 38.69 24.57
N THR C 119 7.50 38.18 25.63
CA THR C 119 8.46 38.95 26.41
C THR C 119 9.84 38.78 25.78
N VAL C 120 10.40 39.86 25.25
CA VAL C 120 11.65 39.81 24.49
C VAL C 120 12.78 40.31 25.36
N SER C 121 13.87 39.53 25.39
CA SER C 121 15.06 39.88 26.17
C SER C 121 16.28 39.64 25.30
N ILE C 122 17.15 40.64 25.20
CA ILE C 122 18.38 40.53 24.40
C ILE C 122 19.58 40.53 25.34
N PHE C 123 20.58 39.72 25.01
CA PHE C 123 21.74 39.51 25.86
C PHE C 123 23.01 39.60 25.02
N PRO C 124 23.97 40.43 25.41
CA PRO C 124 25.22 40.55 24.68
C PRO C 124 26.18 39.43 25.04
N PRO C 125 27.26 39.26 24.28
CA PRO C 125 28.22 38.19 24.60
C PRO C 125 28.83 38.39 25.99
N SER C 126 29.01 37.27 26.69
CA SER C 126 29.69 37.30 27.97
C SER C 126 31.19 37.45 27.77
N SER C 127 31.87 37.97 28.81
CA SER C 127 33.31 38.14 28.73
C SER C 127 34.03 36.82 28.60
N GLU C 128 33.47 35.74 29.15
CA GLU C 128 34.09 34.43 29.04
C GLU C 128 34.18 33.99 27.59
N GLN C 129 33.07 34.09 26.85
CA GLN C 129 33.07 33.70 25.45
C GLN C 129 33.99 34.60 24.63
N LEU C 130 34.02 35.90 24.96
CA LEU C 130 34.87 36.83 24.23
C LEU C 130 36.34 36.48 24.42
N THR C 131 36.74 36.13 25.65
CA THR C 131 38.11 35.68 25.85
C THR C 131 38.36 34.34 25.16
N SER C 132 37.32 33.50 25.04
CA SER C 132 37.46 32.26 24.28
C SER C 132 37.56 32.51 22.78
N GLY C 133 37.06 33.63 22.29
CA GLY C 133 37.20 34.00 20.88
C GLY C 133 35.92 34.23 20.12
N GLY C 134 34.75 33.83 20.65
CA GLY C 134 33.49 34.00 19.96
C GLY C 134 32.61 35.05 20.63
N ALA C 135 31.50 35.36 19.95
CA ALA C 135 30.56 36.36 20.46
C ALA C 135 29.15 35.96 20.03
N SER C 136 28.37 35.44 20.96
CA SER C 136 27.00 35.02 20.69
C SER C 136 26.04 36.02 21.33
N VAL C 137 25.22 36.65 20.50
CA VAL C 137 24.13 37.50 20.99
C VAL C 137 22.86 36.65 21.06
N VAL C 138 22.23 36.62 22.23
CA VAL C 138 21.08 35.76 22.45
C VAL C 138 19.82 36.61 22.57
N CYS C 139 18.70 36.09 22.08
CA CYS C 139 17.41 36.75 22.17
C CYS C 139 16.37 35.73 22.59
N PHE C 140 15.66 36.03 23.68
CA PHE C 140 14.59 35.18 24.19
C PHE C 140 13.25 35.84 23.91
N LEU C 141 12.29 35.03 23.48
CA LEU C 141 10.91 35.44 23.21
C LEU C 141 10.05 34.48 24.03
N ASN C 142 9.73 34.88 25.26
CA ASN C 142 9.10 34.00 26.23
C ASN C 142 7.60 34.21 26.29
N ASN C 143 6.87 33.10 26.36
CA ASN C 143 5.44 33.08 26.66
C ASN C 143 4.63 33.92 25.70
N PHE C 144 4.35 33.39 24.51
CA PHE C 144 3.49 34.05 23.53
C PHE C 144 2.51 33.03 22.97
N TYR C 145 1.45 33.53 22.35
CA TYR C 145 0.44 32.67 21.75
C TYR C 145 -0.32 33.47 20.71
N PRO C 146 -0.60 32.91 19.53
CA PRO C 146 -0.25 31.55 19.06
C PRO C 146 1.23 31.38 18.73
N LYS C 147 1.64 30.17 18.31
CA LYS C 147 3.06 29.89 18.11
C LYS C 147 3.64 30.60 16.90
N ASP C 148 2.81 30.98 15.93
CA ASP C 148 3.29 31.66 14.73
C ASP C 148 3.96 32.98 15.08
N ILE C 149 5.27 33.07 14.83
CA ILE C 149 6.05 34.25 15.17
C ILE C 149 7.23 34.33 14.22
N ASN C 150 7.77 35.54 14.05
CA ASN C 150 8.95 35.74 13.21
C ASN C 150 9.97 36.60 13.94
N VAL C 151 11.25 36.34 13.68
CA VAL C 151 12.35 37.02 14.35
C VAL C 151 13.32 37.56 13.31
N LYS C 152 13.80 38.78 13.54
CA LYS C 152 14.75 39.43 12.66
C LYS C 152 15.84 40.07 13.49
N TRP C 153 17.10 39.75 13.15
CA TRP C 153 18.26 40.40 13.73
C TRP C 153 18.70 41.56 12.84
N LYS C 154 19.20 42.61 13.48
CA LYS C 154 19.63 43.81 12.76
C LYS C 154 20.89 44.35 13.42
N ILE C 155 21.97 44.44 12.65
CA ILE C 155 23.27 44.87 13.15
C ILE C 155 23.60 46.20 12.49
N ASP C 156 23.61 47.27 13.29
CA ASP C 156 23.81 48.63 12.78
C ASP C 156 22.76 48.96 11.72
N GLY C 157 21.53 48.51 11.93
CA GLY C 157 20.44 48.79 11.04
C GLY C 157 20.31 47.87 9.85
N SER C 158 21.28 46.97 9.63
CA SER C 158 21.24 46.03 8.52
C SER C 158 20.86 44.65 9.03
N GLU C 159 19.91 44.01 8.37
CA GLU C 159 19.49 42.68 8.78
C GLU C 159 20.58 41.66 8.46
N ARG C 160 20.78 40.72 9.38
CA ARG C 160 21.68 39.59 9.15
C ARG C 160 20.93 38.29 9.42
N GLN C 161 20.90 37.42 8.42
CA GLN C 161 20.36 36.07 8.58
C GLN C 161 21.45 35.02 8.72
N ASN C 162 22.70 35.38 8.44
CA ASN C 162 23.81 34.44 8.52
C ASN C 162 24.32 34.34 9.95
N GLY C 163 24.61 33.12 10.38
CA GLY C 163 25.06 32.88 11.74
C GLY C 163 23.95 32.83 12.76
N VAL C 164 22.70 32.67 12.34
CA VAL C 164 21.56 32.66 13.24
C VAL C 164 21.07 31.23 13.42
N LEU C 165 20.79 30.85 14.67
CA LEU C 165 20.21 29.56 14.99
C LEU C 165 19.00 29.79 15.88
N ASN C 166 17.87 29.17 15.53
CA ASN C 166 16.63 29.34 16.26
C ASN C 166 16.20 28.02 16.90
N SER C 167 15.47 28.14 18.00
CA SER C 167 14.90 26.98 18.68
C SER C 167 13.58 27.38 19.31
N TRP C 168 12.64 26.45 19.32
CA TRP C 168 11.30 26.70 19.84
C TRP C 168 10.90 25.59 20.79
N THR C 169 10.29 25.97 21.91
CA THR C 169 9.74 24.97 22.82
C THR C 169 8.35 24.55 22.34
N ASP C 170 7.85 23.46 22.92
CA ASP C 170 6.47 23.04 22.69
C ASP C 170 5.58 23.86 23.61
N GLN C 171 4.29 23.53 23.66
CA GLN C 171 3.37 24.26 24.52
C GLN C 171 3.73 24.02 25.98
N ASP C 172 3.68 25.09 26.78
CA ASP C 172 4.04 25.00 28.18
C ASP C 172 3.00 24.17 28.93
N SER C 173 3.50 23.32 29.85
CA SER C 173 2.62 22.43 30.60
C SER C 173 1.76 23.16 31.60
N LYS C 174 2.10 24.40 31.96
CA LYS C 174 1.37 25.11 33.00
C LYS C 174 0.66 26.37 32.54
N ASP C 175 1.11 27.02 31.45
CA ASP C 175 0.37 28.18 30.93
C ASP C 175 -0.01 28.06 29.46
N SER C 176 0.38 26.98 28.78
CA SER C 176 0.00 26.69 27.40
C SER C 176 0.55 27.73 26.41
N THR C 177 1.66 28.36 26.74
CA THR C 177 2.29 29.30 25.83
C THR C 177 3.49 28.66 25.14
N TYR C 178 4.08 29.40 24.21
CA TYR C 178 5.27 28.98 23.49
C TYR C 178 6.40 29.95 23.78
N SER C 179 7.63 29.47 23.63
CA SER C 179 8.80 30.31 23.80
C SER C 179 9.83 29.95 22.74
N MET C 180 10.63 30.94 22.37
CA MET C 180 11.59 30.79 21.28
C MET C 180 12.90 31.48 21.67
N SER C 181 14.00 30.92 21.18
CA SER C 181 15.31 31.54 21.31
C SER C 181 15.92 31.72 19.93
N SER C 182 16.61 32.85 19.75
CA SER C 182 17.33 33.15 18.52
C SER C 182 18.74 33.60 18.89
N THR C 183 19.74 32.88 18.39
CA THR C 183 21.12 33.10 18.78
C THR C 183 21.94 33.43 17.54
N LEU C 184 22.61 34.58 17.56
CA LEU C 184 23.44 35.05 16.45
C LEU C 184 24.90 34.96 16.90
N THR C 185 25.67 34.07 16.28
CA THR C 185 27.05 33.82 16.66
C THR C 185 27.99 34.43 15.64
N LEU C 186 28.95 35.22 16.13
CA LEU C 186 29.88 35.96 15.30
C LEU C 186 31.28 35.80 15.88
N THR C 187 32.29 36.10 15.07
CA THR C 187 33.62 36.21 15.62
C THR C 187 33.69 37.45 16.51
N LYS C 188 34.58 37.40 17.50
CA LYS C 188 34.79 38.56 18.36
C LYS C 188 35.08 39.80 17.55
N ASP C 189 35.78 39.66 16.42
CA ASP C 189 36.19 40.82 15.63
C ASP C 189 34.99 41.46 14.95
N GLU C 190 34.11 40.67 14.32
CA GLU C 190 32.95 41.28 13.68
C GLU C 190 31.99 41.85 14.73
N TYR C 191 31.93 41.26 15.92
CA TYR C 191 31.17 41.86 17.00
C TYR C 191 31.73 43.23 17.37
N GLU C 192 33.05 43.35 17.45
CA GLU C 192 33.66 44.63 17.76
C GLU C 192 33.61 45.61 16.58
N ARG C 193 33.32 45.15 15.37
CA ARG C 193 33.18 46.06 14.24
C ARG C 193 31.95 46.95 14.40
N HIS C 194 30.86 46.40 14.92
CA HIS C 194 29.58 47.09 14.95
C HIS C 194 29.18 47.44 16.37
N ASN C 195 28.23 48.38 16.48
CA ASN C 195 27.82 48.92 17.77
C ASN C 195 26.42 48.52 18.18
N SER C 196 25.43 48.66 17.31
CA SER C 196 24.03 48.43 17.67
C SER C 196 23.60 47.04 17.22
N TYR C 197 23.03 46.29 18.16
CA TYR C 197 22.52 44.94 17.90
C TYR C 197 21.06 44.90 18.34
N THR C 198 20.18 44.52 17.41
CA THR C 198 18.74 44.62 17.59
C THR C 198 18.10 43.28 17.27
N CYS C 199 17.18 42.86 18.13
CA CYS C 199 16.35 41.68 17.93
C CYS C 199 14.90 42.13 17.92
N GLU C 200 14.21 41.94 16.80
CA GLU C 200 12.83 42.37 16.68
C GLU C 200 11.96 41.21 16.26
N ALA C 201 10.76 41.16 16.84
CA ALA C 201 9.83 40.05 16.66
C ALA C 201 8.53 40.57 16.06
N THR C 202 7.94 39.75 15.20
CA THR C 202 6.62 40.00 14.64
C THR C 202 5.68 38.90 15.13
N HIS C 203 4.59 39.31 15.76
CA HIS C 203 3.59 38.40 16.30
C HIS C 203 2.22 39.02 16.07
N LYS C 204 1.19 38.18 16.06
CA LYS C 204 -0.14 38.67 15.74
C LYS C 204 -0.70 39.59 16.83
N THR C 205 -0.14 39.57 18.03
CA THR C 205 -0.66 40.38 19.12
C THR C 205 -0.44 41.87 18.90
N SER C 206 0.56 42.25 18.12
CA SER C 206 0.88 43.65 17.89
C SER C 206 1.05 43.93 16.40
N THR C 207 0.57 45.09 15.97
CA THR C 207 0.83 45.52 14.59
C THR C 207 2.28 45.96 14.44
N SER C 208 2.84 46.60 15.47
CA SER C 208 4.23 47.00 15.45
C SER C 208 5.12 45.84 15.88
N PRO C 209 6.35 45.78 15.37
CA PRO C 209 7.29 44.74 15.83
C PRO C 209 7.85 45.05 17.20
N ILE C 210 7.92 44.02 18.03
CA ILE C 210 8.45 44.14 19.39
C ILE C 210 9.98 44.11 19.32
N VAL C 211 10.61 45.21 19.72
CA VAL C 211 12.03 45.43 19.49
C VAL C 211 12.75 45.47 20.84
N LYS C 212 13.85 44.72 20.95
CA LYS C 212 14.81 44.90 22.01
C LYS C 212 16.18 45.12 21.38
N SER C 213 17.02 45.90 22.05
CA SER C 213 18.23 46.38 21.39
C SER C 213 19.27 46.75 22.44
N PHE C 214 20.53 46.65 22.05
CA PHE C 214 21.61 47.16 22.90
C PHE C 214 22.74 47.67 22.02
N ASN C 215 23.43 48.68 22.53
CA ASN C 215 24.64 49.19 21.91
C ASN C 215 25.85 48.69 22.68
N ARG C 216 26.91 48.35 21.94
CA ARG C 216 28.07 47.68 22.54
C ARG C 216 28.75 48.52 23.62
N ASN C 217 28.47 49.83 23.67
CA ASN C 217 29.03 50.69 24.71
C ASN C 217 28.29 50.46 26.02
N GLU C 218 28.93 49.76 26.95
CA GLU C 218 28.34 49.51 28.26
C GLU C 218 28.29 50.79 29.10
#